data_9LT4
#
_entry.id   9LT4
#
_cell.length_a   1.00
_cell.length_b   1.00
_cell.length_c   1.00
_cell.angle_alpha   90.00
_cell.angle_beta   90.00
_cell.angle_gamma   90.00
#
_symmetry.space_group_name_H-M   'P 1'
#
loop_
_entity.id
_entity.type
_entity.pdbx_description
1 polymer 'Light-harvesting protein B-800/814 alpha chain'
2 polymer 'Light-harvesting protein B-800-850 beta chain'
3 non-polymer 'BACTERIOCHLOROPHYLL A'
4 non-polymer (2~{Z},4~{E},6~{E},8~{E},10~{E},12~{E},14~{E},16~{E})-2-[(1~{Z},3~{Z},5~{E})-8-methoxy-4,8-dimethyl-nona-1,3,5-trienyl]-6,11,15-trimethyl-17-[(4~{R})-2,6,6-trimethyl-4-oxidanyl-cyclohexen-1-yl]heptadeca-2,4,6,8,10,12,14,16-octaenal
#
loop_
_entity_poly.entity_id
_entity_poly.type
_entity_poly.pdbx_seq_one_letter_code
_entity_poly.pdbx_strand_id
1 'polypeptide(L)' MNEGRIFLYVSPEVILPIMFLILVLTSLTVHFAILINTTWFGDFFQGSAGEFAAAPAAADANAAPWE A,I,H,G,F,E,D,C,B
2 'polypeptide(L)' MAGDDTKVYPTGLTEAQALEINDGLKWGTRIYFGIAVAAHILAFILTPWLK i,a,h,g,f,e,d,c,b
#
# COMPACT_ATOMS: atom_id res chain seq x y z
N MET A 1 9.39 -4.28 36.84
CA MET A 1 8.41 -4.01 35.80
C MET A 1 8.49 -5.06 34.71
N ASN A 2 7.39 -5.79 34.51
CA ASN A 2 7.35 -6.96 33.63
C ASN A 2 6.85 -6.51 32.25
N GLU A 3 7.77 -6.37 31.29
CA GLU A 3 7.42 -5.97 29.94
C GLU A 3 6.65 -7.03 29.18
N GLY A 4 6.39 -8.18 29.79
CA GLY A 4 5.54 -9.18 29.18
C GLY A 4 4.07 -8.89 29.23
N ARG A 5 3.66 -7.92 30.04
CA ARG A 5 2.27 -7.53 30.14
C ARG A 5 1.82 -6.70 28.96
N ILE A 6 2.74 -6.40 28.03
CA ILE A 6 2.36 -5.73 26.79
C ILE A 6 1.46 -6.60 25.93
N PHE A 7 1.46 -7.92 26.14
CA PHE A 7 0.61 -8.84 25.40
C PHE A 7 -0.78 -8.98 26.02
N LEU A 8 -1.00 -8.38 27.20
CA LEU A 8 -2.34 -8.29 27.77
C LEU A 8 -3.15 -7.15 27.17
N TYR A 9 -2.50 -6.22 26.48
CA TYR A 9 -3.15 -5.07 25.86
C TYR A 9 -2.97 -5.03 24.36
N VAL A 10 -1.88 -5.59 23.84
CA VAL A 10 -1.64 -5.71 22.40
C VAL A 10 -1.69 -7.19 22.06
N SER A 11 -2.61 -7.58 21.20
CA SER A 11 -2.76 -8.98 20.83
C SER A 11 -1.52 -9.46 20.11
N PRO A 12 -0.99 -10.65 20.46
CA PRO A 12 0.21 -11.14 19.76
C PRO A 12 0.03 -11.31 18.27
N GLU A 13 -1.17 -11.61 17.79
CA GLU A 13 -1.44 -11.75 16.37
C GLU A 13 -1.20 -10.47 15.58
N VAL A 14 -1.16 -9.32 16.25
CA VAL A 14 -0.93 -8.04 15.60
C VAL A 14 0.53 -7.61 15.71
N ILE A 15 1.17 -7.87 16.84
CA ILE A 15 2.51 -7.34 17.08
C ILE A 15 3.59 -8.32 16.67
N LEU A 16 3.42 -9.63 16.90
CA LEU A 16 4.49 -10.58 16.56
C LEU A 16 4.72 -10.66 15.06
N PRO A 17 3.70 -10.81 14.20
CA PRO A 17 3.97 -10.76 12.75
C PRO A 17 4.60 -9.46 12.32
N ILE A 18 4.19 -8.34 12.91
CA ILE A 18 4.78 -7.05 12.57
C ILE A 18 6.26 -7.03 12.94
N MET A 19 6.61 -7.43 14.16
CA MET A 19 8.02 -7.41 14.56
C MET A 19 8.86 -8.38 13.74
N PHE A 20 8.30 -9.51 13.33
CA PHE A 20 9.00 -10.39 12.40
C PHE A 20 9.25 -9.68 11.06
N LEU A 21 8.25 -8.91 10.59
CA LEU A 21 8.41 -8.16 9.35
C LEU A 21 9.54 -7.13 9.46
N ILE A 22 9.58 -6.38 10.57
CA ILE A 22 10.71 -5.47 10.79
C ILE A 22 12.03 -6.20 10.92
N LEU A 23 12.06 -7.37 11.57
CA LEU A 23 13.32 -8.11 11.65
C LEU A 23 13.84 -8.43 10.26
N VAL A 24 12.96 -8.96 9.39
CA VAL A 24 13.38 -9.30 8.03
C VAL A 24 13.80 -8.06 7.26
N LEU A 25 13.00 -7.00 7.33
CA LEU A 25 13.30 -5.80 6.56
C LEU A 25 14.58 -5.13 7.04
N THR A 26 14.86 -5.17 8.34
CA THR A 26 16.07 -4.57 8.87
C THR A 26 17.30 -5.36 8.46
N SER A 27 17.22 -6.69 8.50
CA SER A 27 18.34 -7.49 8.03
C SER A 27 18.62 -7.22 6.55
N LEU A 28 17.55 -7.19 5.74
CA LEU A 28 17.72 -6.89 4.32
C LEU A 28 18.26 -5.48 4.10
N THR A 29 17.87 -4.52 4.92
CA THR A 29 18.36 -3.15 4.82
C THR A 29 19.84 -3.04 5.16
N VAL A 30 20.29 -3.74 6.21
CA VAL A 30 21.72 -3.74 6.53
C VAL A 30 22.51 -4.36 5.38
N HIS A 31 22.03 -5.50 4.87
CA HIS A 31 22.74 -6.15 3.77
C HIS A 31 22.79 -5.25 2.54
N PHE A 32 21.67 -4.59 2.21
CA PHE A 32 21.63 -3.72 1.05
C PHE A 32 22.52 -2.50 1.22
N ALA A 33 22.54 -1.91 2.41
CA ALA A 33 23.39 -0.75 2.65
C ALA A 33 24.86 -1.10 2.51
N ILE A 34 25.26 -2.25 3.06
CA ILE A 34 26.64 -2.68 2.92
C ILE A 34 26.97 -2.99 1.47
N LEU A 35 26.04 -3.63 0.75
CA LEU A 35 26.26 -3.95 -0.65
C LEU A 35 26.45 -2.69 -1.49
N ILE A 36 25.60 -1.68 -1.27
CA ILE A 36 25.66 -0.46 -2.06
C ILE A 36 26.88 0.38 -1.71
N ASN A 37 27.24 0.48 -0.42
CA ASN A 37 28.22 1.46 0.03
C ASN A 37 29.63 0.90 0.16
N THR A 38 29.90 -0.29 -0.38
CA THR A 38 31.23 -0.87 -0.36
C THR A 38 31.59 -1.39 -1.75
N THR A 39 32.88 -1.65 -1.95
CA THR A 39 33.38 -2.29 -3.16
C THR A 39 33.42 -3.80 -3.03
N TRP A 40 33.90 -4.31 -1.90
CA TRP A 40 33.70 -5.72 -1.58
C TRP A 40 32.23 -5.96 -1.27
N PHE A 41 31.85 -7.25 -1.22
CA PHE A 41 30.44 -7.64 -1.17
C PHE A 41 29.71 -7.03 -2.37
N GLY A 42 30.11 -7.52 -3.53
CA GLY A 42 29.81 -6.93 -4.82
C GLY A 42 31.00 -7.14 -5.72
N ASP A 43 32.15 -7.35 -5.09
CA ASP A 43 33.28 -8.02 -5.71
C ASP A 43 33.42 -9.46 -5.24
N PHE A 44 32.88 -9.79 -4.07
CA PHE A 44 32.71 -11.15 -3.60
C PHE A 44 31.67 -11.92 -4.40
N PHE A 45 30.59 -11.25 -4.81
CA PHE A 45 29.63 -11.86 -5.74
C PHE A 45 30.28 -12.14 -7.09
N GLN A 46 31.05 -11.20 -7.61
CA GLN A 46 31.64 -11.34 -8.93
C GLN A 46 32.65 -12.48 -8.97
N GLY A 47 33.49 -12.58 -7.95
CA GLY A 47 34.54 -13.60 -7.96
C GLY A 47 35.58 -13.28 -9.01
N SER A 48 36.19 -14.31 -9.57
CA SER A 48 37.19 -14.15 -10.62
C SER A 48 37.32 -15.42 -11.45
N ASP B 5 -3.71 -30.40 27.75
CA ASP B 5 -4.42 -31.24 26.80
C ASP B 5 -5.88 -30.80 26.69
N THR B 6 -6.44 -30.90 25.48
CA THR B 6 -7.82 -30.54 25.19
C THR B 6 -8.10 -29.07 25.44
N LYS B 7 -7.06 -28.30 25.76
CA LYS B 7 -7.21 -26.88 26.02
C LYS B 7 -7.16 -26.11 24.70
N VAL B 8 -8.15 -25.25 24.47
CA VAL B 8 -8.23 -24.45 23.26
C VAL B 8 -7.71 -23.06 23.55
N TYR B 9 -6.75 -22.61 22.75
CA TYR B 9 -6.09 -21.33 22.93
C TYR B 9 -6.77 -20.26 22.09
N PRO B 10 -6.45 -18.96 22.31
CA PRO B 10 -7.14 -17.89 21.58
C PRO B 10 -7.13 -18.01 20.07
N THR B 11 -6.16 -18.75 19.51
CA THR B 11 -6.14 -18.98 18.07
C THR B 11 -7.10 -20.07 17.64
N GLY B 12 -7.70 -20.79 18.58
CA GLY B 12 -8.60 -21.87 18.25
C GLY B 12 -7.94 -23.22 18.06
N LEU B 13 -6.65 -23.36 18.39
CA LEU B 13 -5.91 -24.59 18.21
C LEU B 13 -5.48 -25.14 19.56
N THR B 14 -5.24 -26.44 19.60
CA THR B 14 -4.69 -27.12 20.76
C THR B 14 -3.17 -27.20 20.62
N GLU B 15 -2.50 -27.63 21.68
CA GLU B 15 -1.04 -27.70 21.66
C GLU B 15 -0.54 -28.75 20.68
N ALA B 16 -1.25 -29.87 20.54
CA ALA B 16 -0.83 -30.90 19.60
C ALA B 16 -0.84 -30.39 18.16
N GLN B 17 -1.88 -29.65 17.80
CA GLN B 17 -1.97 -29.09 16.45
C GLN B 17 -0.85 -28.09 16.20
N ALA B 18 -0.58 -27.23 17.20
CA ALA B 18 0.50 -26.26 17.07
C ALA B 18 1.86 -26.92 16.92
N LEU B 19 2.12 -27.99 17.68
CA LEU B 19 3.35 -28.75 17.52
C LEU B 19 3.43 -29.48 16.19
N GLU B 20 2.30 -29.95 15.67
CA GLU B 20 2.28 -30.55 14.34
C GLU B 20 2.67 -29.54 13.28
N ILE B 21 2.14 -28.31 13.37
CA ILE B 21 2.52 -27.27 12.42
C ILE B 21 4.01 -26.96 12.51
N ASN B 22 4.55 -26.91 13.73
CA ASN B 22 5.98 -26.70 13.91
C ASN B 22 6.82 -27.80 13.29
N ASP B 23 6.47 -29.07 13.54
CA ASP B 23 7.19 -30.18 12.93
C ASP B 23 7.10 -30.15 11.42
N GLY B 24 5.94 -29.79 10.86
CA GLY B 24 5.82 -29.63 9.43
C GLY B 24 6.71 -28.55 8.86
N LEU B 25 6.76 -27.40 9.54
CA LEU B 25 7.65 -26.33 9.10
C LEU B 25 9.11 -26.78 9.14
N LYS B 26 9.49 -27.52 10.19
CA LYS B 26 10.88 -28.01 10.27
C LYS B 26 11.19 -28.98 9.14
N TRP B 27 10.26 -29.90 8.84
CA TRP B 27 10.49 -30.86 7.77
C TRP B 27 10.60 -30.17 6.41
N GLY B 28 9.71 -29.22 6.14
CA GLY B 28 9.81 -28.44 4.92
C GLY B 28 11.08 -27.62 4.81
N THR B 29 11.52 -27.01 5.92
CA THR B 29 12.79 -26.29 5.92
C THR B 29 13.98 -27.21 5.67
N ARG B 30 13.95 -28.43 6.20
CA ARG B 30 15.02 -29.38 5.89
C ARG B 30 15.06 -29.75 4.41
N ILE B 31 13.91 -29.98 3.79
CA ILE B 31 13.89 -30.24 2.35
C ILE B 31 14.40 -29.04 1.57
N TYR B 32 13.96 -27.84 1.97
CA TYR B 32 14.42 -26.61 1.32
C TYR B 32 15.92 -26.45 1.46
N PHE B 33 16.45 -26.77 2.64
CA PHE B 33 17.89 -26.68 2.87
C PHE B 33 18.64 -27.66 1.99
N GLY B 34 18.12 -28.87 1.83
CA GLY B 34 18.77 -29.82 0.94
C GLY B 34 18.84 -29.33 -0.50
N ILE B 35 17.71 -28.82 -1.00
CA ILE B 35 17.70 -28.30 -2.37
C ILE B 35 18.62 -27.09 -2.49
N ALA B 36 18.65 -26.24 -1.45
CA ALA B 36 19.49 -25.05 -1.48
C ALA B 36 20.97 -25.42 -1.46
N VAL B 37 21.34 -26.46 -0.71
CA VAL B 37 22.71 -26.93 -0.69
C VAL B 37 23.12 -27.46 -2.06
N ALA B 38 22.23 -28.23 -2.69
CA ALA B 38 22.52 -28.70 -4.04
C ALA B 38 22.69 -27.53 -5.00
N ALA B 39 21.81 -26.53 -4.91
CA ALA B 39 21.90 -25.37 -5.79
C ALA B 39 23.18 -24.56 -5.54
N HIS B 40 23.58 -24.42 -4.28
CA HIS B 40 24.82 -23.71 -3.97
C HIS B 40 26.06 -24.47 -4.44
N ILE B 41 26.06 -25.79 -4.36
CA ILE B 41 27.16 -26.57 -4.93
C ILE B 41 27.23 -26.38 -6.44
N LEU B 42 26.07 -26.43 -7.10
CA LEU B 42 26.05 -26.18 -8.54
C LEU B 42 26.54 -24.78 -8.89
N ALA B 43 26.14 -23.78 -8.10
CA ALA B 43 26.59 -22.42 -8.33
C ALA B 43 28.10 -22.31 -8.15
N PHE B 44 28.65 -22.94 -7.11
CA PHE B 44 30.09 -22.91 -6.88
C PHE B 44 30.83 -23.54 -8.04
N ILE B 45 30.31 -24.65 -8.57
CA ILE B 45 30.98 -25.32 -9.68
C ILE B 45 30.90 -24.47 -10.95
N LEU B 46 29.72 -23.91 -11.24
CA LEU B 46 29.50 -23.30 -12.55
C LEU B 46 29.78 -21.80 -12.58
N THR B 47 29.69 -21.11 -11.45
CA THR B 47 29.83 -19.66 -11.47
C THR B 47 31.21 -19.25 -10.98
N PRO B 48 31.68 -18.05 -11.34
CA PRO B 48 33.00 -17.59 -10.87
C PRO B 48 33.05 -17.28 -9.38
N TRP B 49 31.95 -17.51 -8.67
CA TRP B 49 31.87 -17.21 -7.25
C TRP B 49 32.77 -18.14 -6.45
N LEU B 50 33.43 -17.59 -5.43
CA LEU B 50 34.39 -18.31 -4.60
C LEU B 50 35.56 -18.87 -5.41
N LYS B 51 35.96 -18.15 -6.46
CA LYS B 51 37.09 -18.57 -7.28
C LYS B 51 37.85 -17.36 -7.82
N ASP C 5 -4.46 -13.40 38.85
CA ASP C 5 -4.57 -14.78 38.40
C ASP C 5 -5.98 -15.05 37.88
N THR C 6 -6.07 -15.88 36.84
CA THR C 6 -7.33 -16.27 36.20
C THR C 6 -8.05 -15.07 35.58
N LYS C 7 -7.40 -13.90 35.59
CA LYS C 7 -7.99 -12.70 35.02
C LYS C 7 -7.73 -12.66 33.52
N VAL C 8 -8.78 -12.47 32.74
CA VAL C 8 -8.67 -12.42 31.28
C VAL C 8 -8.65 -10.95 30.85
N TYR C 9 -7.65 -10.59 30.07
CA TYR C 9 -7.45 -9.22 29.62
C TYR C 9 -8.05 -9.02 28.23
N PRO C 10 -8.18 -7.76 27.77
CA PRO C 10 -8.86 -7.50 26.49
C PRO C 10 -8.30 -8.27 25.29
N THR C 11 -7.05 -8.71 25.38
CA THR C 11 -6.49 -9.54 24.31
C THR C 11 -6.91 -11.00 24.40
N GLY C 12 -7.57 -11.40 25.48
CA GLY C 12 -7.98 -12.77 25.66
C GLY C 12 -6.97 -13.67 26.34
N LEU C 13 -5.89 -13.10 26.87
CA LEU C 13 -4.83 -13.86 27.50
C LEU C 13 -4.74 -13.52 28.98
N THR C 14 -4.19 -14.45 29.75
CA THR C 14 -3.90 -14.24 31.16
C THR C 14 -2.46 -13.76 31.31
N GLU C 15 -2.08 -13.34 32.51
CA GLU C 15 -0.75 -12.81 32.76
C GLU C 15 0.34 -13.85 32.56
N ALA C 16 0.10 -15.09 33.00
CA ALA C 16 1.11 -16.14 32.84
C ALA C 16 1.40 -16.42 31.37
N GLN C 17 0.37 -16.44 30.53
CA GLN C 17 0.56 -16.68 29.11
C GLN C 17 1.41 -15.58 28.48
N ALA C 18 1.09 -14.32 28.78
CA ALA C 18 1.86 -13.21 28.25
C ALA C 18 3.30 -13.23 28.74
N LEU C 19 3.51 -13.55 30.02
CA LEU C 19 4.87 -13.65 30.56
C LEU C 19 5.67 -14.76 29.92
N GLU C 20 5.06 -15.90 29.62
CA GLU C 20 5.83 -16.98 28.99
C GLU C 20 6.06 -16.69 27.51
N ILE C 21 5.16 -15.92 26.87
CA ILE C 21 5.46 -15.41 25.54
C ILE C 21 6.67 -14.48 25.57
N ASN C 22 6.73 -13.60 26.57
CA ASN C 22 7.90 -12.75 26.75
C ASN C 22 9.17 -13.54 26.97
N ASP C 23 9.13 -14.57 27.83
CA ASP C 23 10.28 -15.44 28.05
C ASP C 23 10.71 -16.15 26.77
N GLY C 24 9.75 -16.59 25.96
CA GLY C 24 10.08 -17.15 24.66
C GLY C 24 10.74 -16.19 23.73
N LEU C 25 10.25 -14.95 23.68
CA LEU C 25 10.90 -13.93 22.85
C LEU C 25 12.32 -13.68 23.33
N LYS C 26 12.54 -13.64 24.64
CA LYS C 26 13.88 -13.44 25.18
C LYS C 26 14.81 -14.59 24.82
N TRP C 27 14.33 -15.83 24.93
CA TRP C 27 15.15 -16.99 24.57
C TRP C 27 15.52 -16.98 23.09
N GLY C 28 14.54 -16.68 22.23
CA GLY C 28 14.83 -16.57 20.81
C GLY C 28 15.79 -15.45 20.47
N THR C 29 15.64 -14.29 21.13
CA THR C 29 16.60 -13.21 20.94
C THR C 29 17.99 -13.58 21.39
N ARG C 30 18.13 -14.34 22.48
CA ARG C 30 19.45 -14.80 22.89
C ARG C 30 20.09 -15.74 21.87
N ILE C 31 19.32 -16.67 21.31
CA ILE C 31 19.86 -17.53 20.26
C ILE C 31 20.26 -16.71 19.04
N TYR C 32 19.40 -15.76 18.65
CA TYR C 32 19.70 -14.89 17.52
C TYR C 32 20.96 -14.08 17.78
N PHE C 33 21.13 -13.60 19.00
CA PHE C 33 22.33 -12.85 19.36
C PHE C 33 23.57 -13.71 19.27
N GLY C 34 23.49 -14.96 19.70
CA GLY C 34 24.63 -15.85 19.58
C GLY C 34 25.04 -16.07 18.14
N ILE C 35 24.05 -16.35 17.28
CA ILE C 35 24.35 -16.53 15.86
C ILE C 35 24.90 -15.24 15.25
N ALA C 36 24.36 -14.10 15.66
CA ALA C 36 24.82 -12.82 15.13
C ALA C 36 26.25 -12.52 15.57
N VAL C 37 26.60 -12.87 16.81
CA VAL C 37 27.98 -12.68 17.28
C VAL C 37 28.93 -13.56 16.47
N ALA C 38 28.54 -14.81 16.22
CA ALA C 38 29.38 -15.67 15.40
C ALA C 38 29.55 -15.09 13.99
N ALA C 39 28.45 -14.61 13.41
CA ALA C 39 28.51 -14.02 12.06
C ALA C 39 29.36 -12.77 12.03
N HIS C 40 29.28 -11.92 13.05
CA HIS C 40 30.11 -10.72 13.12
C HIS C 40 31.59 -11.05 13.31
N ILE C 41 31.91 -12.08 14.10
CA ILE C 41 33.30 -12.51 14.21
C ILE C 41 33.82 -12.99 12.86
N LEU C 42 33.02 -13.80 12.15
CA LEU C 42 33.42 -14.27 10.84
C LEU C 42 33.60 -13.11 9.87
N ALA C 43 32.71 -12.11 9.92
CA ALA C 43 32.84 -10.95 9.06
C ALA C 43 34.09 -10.16 9.37
N PHE C 44 34.40 -9.99 10.66
CA PHE C 44 35.62 -9.28 11.04
C PHE C 44 36.86 -10.02 10.52
N ILE C 45 36.86 -11.35 10.62
CA ILE C 45 38.00 -12.13 10.15
C ILE C 45 38.15 -12.03 8.64
N LEU C 46 37.04 -12.18 7.90
CA LEU C 46 37.13 -12.32 6.45
C LEU C 46 37.00 -11.01 5.69
N THR C 47 36.09 -10.14 6.08
CA THR C 47 35.84 -8.90 5.34
C THR C 47 36.84 -7.84 5.74
N PRO C 48 37.09 -6.84 4.84
CA PRO C 48 38.01 -5.74 5.14
C PRO C 48 37.41 -4.68 6.06
N TRP C 49 36.78 -5.12 7.15
CA TRP C 49 36.07 -4.23 8.06
C TRP C 49 36.75 -4.24 9.42
N LEU C 50 36.82 -3.05 10.04
CA LEU C 50 37.56 -2.84 11.28
C LEU C 50 39.04 -3.16 11.12
N LYS C 51 39.59 -2.91 9.94
CA LYS C 51 41.00 -3.15 9.68
C LYS C 51 41.61 -2.01 8.89
N MET D 1 12.40 -25.85 25.15
CA MET D 1 11.29 -24.93 24.93
C MET D 1 10.69 -25.14 23.55
N ASN D 2 9.36 -25.17 23.48
CA ASN D 2 8.65 -25.55 22.25
C ASN D 2 8.19 -24.29 21.53
N GLU D 3 8.79 -24.01 20.37
CA GLU D 3 8.40 -22.85 19.58
C GLU D 3 7.09 -23.03 18.84
N GLY D 4 6.60 -24.28 18.71
CA GLY D 4 5.29 -24.50 18.14
C GLY D 4 4.17 -23.81 18.87
N ARG D 5 4.34 -23.53 20.17
CA ARG D 5 3.37 -22.79 20.94
C ARG D 5 3.21 -21.35 20.44
N ILE D 6 4.04 -20.90 19.50
CA ILE D 6 3.80 -19.63 18.85
C ILE D 6 2.52 -19.67 18.03
N PHE D 7 2.04 -20.85 17.67
CA PHE D 7 0.80 -20.99 16.92
C PHE D 7 -0.44 -21.05 17.82
N LEU D 8 -0.24 -21.13 19.13
CA LEU D 8 -1.36 -21.00 20.06
C LEU D 8 -1.72 -19.56 20.34
N TYR D 9 -0.85 -18.61 19.97
CA TYR D 9 -1.06 -17.19 20.20
C TYR D 9 -1.10 -16.38 18.91
N VAL D 10 -0.36 -16.80 17.89
CA VAL D 10 -0.45 -16.20 16.56
C VAL D 10 -1.12 -17.20 15.64
N SER D 11 -2.24 -16.82 15.06
CA SER D 11 -2.99 -17.73 14.20
C SER D 11 -2.17 -18.06 12.97
N PRO D 12 -2.07 -19.34 12.58
CA PRO D 12 -1.28 -19.68 11.38
C PRO D 12 -1.77 -19.00 10.12
N GLU D 13 -3.07 -18.73 10.01
CA GLU D 13 -3.64 -18.04 8.86
C GLU D 13 -3.09 -16.63 8.68
N VAL D 14 -2.55 -16.03 9.73
CA VAL D 14 -2.01 -14.68 9.69
C VAL D 14 -0.50 -14.70 9.47
N ILE D 15 0.20 -15.64 10.10
CA ILE D 15 1.66 -15.61 10.08
C ILE D 15 2.21 -16.42 8.90
N LEU D 16 1.65 -17.59 8.61
CA LEU D 16 2.22 -18.44 7.58
C LEU D 16 2.19 -17.78 6.19
N PRO D 17 1.10 -17.15 5.74
CA PRO D 17 1.19 -16.38 4.49
C PRO D 17 2.25 -15.29 4.54
N ILE D 18 2.42 -14.65 5.69
CA ILE D 18 3.43 -13.60 5.82
C ILE D 18 4.83 -14.18 5.61
N MET D 19 5.13 -15.32 6.24
CA MET D 19 6.45 -15.91 6.07
C MET D 19 6.65 -16.47 4.66
N PHE D 20 5.59 -16.97 4.02
CA PHE D 20 5.72 -17.37 2.62
C PHE D 20 6.05 -16.18 1.73
N LEU D 21 5.37 -15.05 1.96
CA LEU D 21 5.68 -13.83 1.21
C LEU D 21 7.11 -13.37 1.47
N ILE D 22 7.55 -13.46 2.74
CA ILE D 22 8.93 -13.11 3.07
C ILE D 22 9.92 -14.00 2.36
N LEU D 23 9.66 -15.32 2.32
CA LEU D 23 10.56 -16.23 1.63
C LEU D 23 10.65 -15.89 0.15
N VAL D 24 9.51 -15.65 -0.49
CA VAL D 24 9.50 -15.33 -1.92
C VAL D 24 10.27 -14.03 -2.17
N LEU D 25 9.98 -12.99 -1.39
CA LEU D 25 10.64 -11.71 -1.60
C LEU D 25 12.13 -11.78 -1.30
N THR D 26 12.53 -12.57 -0.31
CA THR D 26 13.95 -12.70 0.00
C THR D 26 14.69 -13.43 -1.11
N SER D 27 14.10 -14.50 -1.65
CA SER D 27 14.76 -15.18 -2.77
C SER D 27 14.87 -14.26 -3.98
N LEU D 28 13.80 -13.52 -4.28
CA LEU D 28 13.85 -12.56 -5.38
C LEU D 28 14.89 -11.46 -5.12
N THR D 29 15.06 -11.03 -3.88
CA THR D 29 16.05 -10.03 -3.52
C THR D 29 17.47 -10.56 -3.69
N VAL D 30 17.74 -11.79 -3.28
CA VAL D 30 19.05 -12.38 -3.51
C VAL D 30 19.35 -12.45 -5.00
N HIS D 31 18.38 -12.94 -5.79
CA HIS D 31 18.59 -13.06 -7.22
C HIS D 31 18.81 -11.69 -7.86
N PHE D 32 18.05 -10.68 -7.44
CA PHE D 32 18.19 -9.34 -7.98
C PHE D 32 19.54 -8.72 -7.60
N ALA D 33 19.99 -8.93 -6.37
CA ALA D 33 21.29 -8.42 -5.96
C ALA D 33 22.42 -9.05 -6.75
N ILE D 34 22.37 -10.37 -6.95
CA ILE D 34 23.38 -11.02 -7.78
C ILE D 34 23.33 -10.50 -9.21
N LEU D 35 22.12 -10.32 -9.75
CA LEU D 35 21.95 -9.83 -11.11
C LEU D 35 22.55 -8.44 -11.28
N ILE D 36 22.28 -7.55 -10.32
CA ILE D 36 22.72 -6.16 -10.43
C ILE D 36 24.22 -6.03 -10.21
N ASN D 37 24.77 -6.75 -9.23
CA ASN D 37 26.14 -6.50 -8.78
C ASN D 37 27.17 -7.43 -9.40
N THR D 38 26.84 -8.10 -10.50
CA THR D 38 27.79 -8.96 -11.21
C THR D 38 27.71 -8.72 -12.70
N THR D 39 28.78 -9.07 -13.41
CA THR D 39 28.79 -9.05 -14.86
C THR D 39 28.24 -10.35 -15.43
N TRP D 40 28.65 -11.49 -14.90
CA TRP D 40 27.98 -12.75 -15.18
C TRP D 40 26.59 -12.74 -14.53
N PHE D 41 25.75 -13.69 -14.91
CA PHE D 41 24.33 -13.66 -14.57
C PHE D 41 23.73 -12.34 -15.05
N GLY D 42 23.64 -12.23 -16.38
CA GLY D 42 23.42 -10.98 -17.07
C GLY D 42 24.24 -11.00 -18.33
N ASP D 43 25.32 -11.78 -18.29
CA ASP D 43 25.97 -12.29 -19.49
C ASP D 43 25.58 -13.73 -19.78
N PHE D 44 25.25 -14.49 -18.74
CA PHE D 44 24.66 -15.81 -18.92
C PHE D 44 23.26 -15.70 -19.54
N PHE D 45 22.53 -14.65 -19.17
CA PHE D 45 21.23 -14.41 -19.79
C PHE D 45 21.36 -14.15 -21.28
N GLN D 46 22.33 -13.32 -21.68
CA GLN D 46 22.45 -12.93 -23.09
C GLN D 46 23.07 -14.05 -23.91
N GLY D 47 24.01 -14.78 -23.33
CA GLY D 47 24.69 -15.82 -24.10
C GLY D 47 25.55 -15.24 -25.20
N SER D 48 25.59 -15.93 -26.32
CA SER D 48 26.35 -15.46 -27.48
C SER D 48 25.78 -16.03 -28.78
N MET E 1 5.08 -36.81 4.45
CA MET E 1 4.03 -36.28 5.30
C MET E 1 3.05 -35.48 4.45
N ASN E 2 1.85 -35.22 4.98
CA ASN E 2 0.75 -34.66 4.21
C ASN E 2 0.75 -33.15 4.34
N GLU E 3 1.26 -32.46 3.31
CA GLU E 3 1.27 -31.00 3.31
C GLU E 3 -0.10 -30.40 3.05
N GLY E 4 -1.04 -31.15 2.49
CA GLY E 4 -2.40 -30.67 2.33
C GLY E 4 -3.06 -30.27 3.63
N ARG E 5 -2.60 -30.83 4.74
CA ARG E 5 -3.10 -30.45 6.05
C ARG E 5 -2.83 -29.00 6.40
N ILE E 6 -1.94 -28.33 5.66
CA ILE E 6 -1.79 -26.89 5.84
C ILE E 6 -3.10 -26.16 5.56
N PHE E 7 -3.93 -26.68 4.66
CA PHE E 7 -5.23 -26.11 4.37
C PHE E 7 -6.22 -26.32 5.51
N LEU E 8 -5.89 -27.16 6.48
CA LEU E 8 -6.67 -27.27 7.71
C LEU E 8 -6.33 -26.16 8.70
N TYR E 9 -5.22 -25.46 8.49
CA TYR E 9 -4.78 -24.40 9.39
C TYR E 9 -4.69 -23.04 8.71
N VAL E 10 -4.35 -23.01 7.42
CA VAL E 10 -4.39 -21.79 6.62
C VAL E 10 -5.54 -21.90 5.64
N SER E 11 -6.48 -20.97 5.72
CA SER E 11 -7.65 -21.02 4.87
C SER E 11 -7.23 -20.85 3.40
N PRO E 12 -7.73 -21.69 2.49
CA PRO E 12 -7.34 -21.54 1.07
C PRO E 12 -7.71 -20.18 0.50
N GLU E 13 -8.77 -19.54 0.98
CA GLU E 13 -9.18 -18.23 0.50
C GLU E 13 -8.14 -17.14 0.76
N VAL E 14 -7.23 -17.37 1.72
CA VAL E 14 -6.19 -16.40 2.06
C VAL E 14 -4.87 -16.73 1.36
N ILE E 15 -4.54 -18.02 1.28
CA ILE E 15 -3.21 -18.40 0.79
C ILE E 15 -3.21 -18.59 -0.73
N LEU E 16 -4.29 -19.15 -1.29
CA LEU E 16 -4.30 -19.41 -2.74
C LEU E 16 -4.24 -18.13 -3.56
N PRO E 17 -5.03 -17.09 -3.27
CA PRO E 17 -4.83 -15.81 -3.99
C PRO E 17 -3.45 -15.24 -3.82
N ILE E 18 -2.84 -15.38 -2.64
CA ILE E 18 -1.50 -14.89 -2.42
C ILE E 18 -0.50 -15.62 -3.29
N MET E 19 -0.61 -16.94 -3.40
CA MET E 19 0.33 -17.69 -4.22
C MET E 19 0.09 -17.44 -5.71
N PHE E 20 -1.16 -17.19 -6.11
CA PHE E 20 -1.41 -16.79 -7.49
C PHE E 20 -0.75 -15.44 -7.80
N LEU E 21 -0.88 -14.49 -6.87
CA LEU E 21 -0.19 -13.21 -7.01
C LEU E 21 1.32 -13.40 -7.10
N ILE E 22 1.88 -14.28 -6.26
CA ILE E 22 3.30 -14.57 -6.28
C ILE E 22 3.73 -15.16 -7.62
N LEU E 23 2.95 -16.10 -8.15
CA LEU E 23 3.29 -16.70 -9.43
C LEU E 23 3.29 -15.66 -10.55
N VAL E 24 2.26 -14.82 -10.58
CA VAL E 24 2.17 -13.80 -11.62
C VAL E 24 3.33 -12.82 -11.51
N LEU E 25 3.61 -12.34 -10.30
CA LEU E 25 4.68 -11.37 -10.12
C LEU E 25 6.04 -11.98 -10.41
N THR E 26 6.24 -13.26 -10.09
CA THR E 26 7.51 -13.91 -10.36
C THR E 26 7.73 -14.09 -11.86
N SER E 27 6.69 -14.48 -12.60
CA SER E 27 6.83 -14.59 -14.04
C SER E 27 7.12 -13.24 -14.67
N LEU E 28 6.40 -12.20 -14.24
CA LEU E 28 6.68 -10.85 -14.73
C LEU E 28 8.07 -10.39 -14.37
N THR E 29 8.59 -10.75 -13.19
CA THR E 29 9.93 -10.40 -12.78
C THR E 29 11.00 -11.09 -13.63
N VAL E 30 10.81 -12.38 -13.93
CA VAL E 30 11.74 -13.07 -14.83
C VAL E 30 11.76 -12.40 -16.19
N HIS E 31 10.57 -12.13 -16.74
CA HIS E 31 10.51 -11.50 -18.06
C HIS E 31 11.15 -10.12 -18.04
N PHE E 32 10.90 -9.32 -17.00
CA PHE E 32 11.47 -7.99 -16.91
C PHE E 32 12.97 -8.03 -16.74
N ALA E 33 13.49 -8.94 -15.93
CA ALA E 33 14.92 -9.08 -15.75
C ALA E 33 15.62 -9.46 -17.05
N ILE E 34 15.05 -10.40 -17.79
CA ILE E 34 15.65 -10.76 -19.07
C ILE E 34 15.55 -9.62 -20.07
N LEU E 35 14.44 -8.88 -20.05
CA LEU E 35 14.28 -7.72 -20.92
C LEU E 35 15.35 -6.68 -20.64
N ILE E 36 15.58 -6.38 -19.36
CA ILE E 36 16.51 -5.34 -18.99
C ILE E 36 17.95 -5.76 -19.25
N ASN E 37 18.31 -7.00 -18.94
CA ASN E 37 19.72 -7.41 -18.90
C ASN E 37 20.20 -8.11 -20.17
N THR E 38 19.46 -8.01 -21.27
CA THR E 38 19.88 -8.60 -22.54
C THR E 38 19.68 -7.59 -23.67
N THR E 39 20.44 -7.78 -24.75
CA THR E 39 20.26 -7.00 -25.95
C THR E 39 19.14 -7.56 -26.82
N TRP E 40 19.12 -8.87 -27.02
CA TRP E 40 17.95 -9.52 -27.59
C TRP E 40 16.79 -9.46 -26.61
N PHE E 41 15.59 -9.79 -27.07
CA PHE E 41 14.37 -9.55 -26.32
C PHE E 41 14.29 -8.06 -25.95
N GLY E 42 14.05 -7.26 -26.97
CA GLY E 42 14.25 -5.82 -26.93
C GLY E 42 14.80 -5.40 -28.27
N ASP E 43 15.47 -6.34 -28.93
CA ASP E 43 15.69 -6.30 -30.37
C ASP E 43 14.70 -7.19 -31.11
N PHE E 44 14.25 -8.26 -30.47
CA PHE E 44 13.13 -9.03 -30.99
C PHE E 44 11.86 -8.20 -31.00
N PHE E 45 11.67 -7.36 -29.97
CA PHE E 45 10.58 -6.39 -29.97
C PHE E 45 10.75 -5.38 -31.10
N GLN E 46 11.98 -4.89 -31.29
CA GLN E 46 12.24 -3.88 -32.31
C GLN E 46 11.97 -4.41 -33.72
N GLY E 47 12.39 -5.64 -34.01
CA GLY E 47 12.25 -6.15 -35.35
C GLY E 47 13.18 -5.41 -36.31
N SER E 48 12.76 -5.32 -37.56
CA SER E 48 13.52 -4.60 -38.58
C SER E 48 12.64 -4.23 -39.76
N MET F 1 -9.25 -32.86 -14.50
CA MET F 1 -10.08 -32.81 -13.31
C MET F 1 -10.81 -31.47 -13.26
N ASN F 2 -11.72 -31.30 -12.30
CA ASN F 2 -12.63 -30.15 -12.28
C ASN F 2 -12.00 -29.02 -11.48
N GLU F 3 -11.41 -28.05 -12.17
CA GLU F 3 -10.81 -26.91 -11.51
C GLU F 3 -11.85 -25.91 -10.99
N GLY F 4 -13.09 -25.97 -11.48
CA GLY F 4 -14.13 -25.13 -10.94
C GLY F 4 -14.40 -25.33 -9.47
N ARG F 5 -14.03 -26.50 -8.93
CA ARG F 5 -14.15 -26.77 -7.51
C ARG F 5 -13.27 -25.84 -6.67
N ILE F 6 -12.31 -25.15 -7.29
CA ILE F 6 -11.58 -24.13 -6.55
C ILE F 6 -12.51 -23.05 -6.03
N PHE F 7 -13.60 -22.77 -6.73
CA PHE F 7 -14.60 -21.82 -6.27
C PHE F 7 -15.41 -22.33 -5.08
N LEU F 8 -15.30 -23.62 -4.78
CA LEU F 8 -15.86 -24.14 -3.54
C LEU F 8 -14.96 -23.89 -2.34
N TYR F 9 -13.71 -23.50 -2.58
CA TYR F 9 -12.74 -23.26 -1.52
C TYR F 9 -12.21 -21.83 -1.52
N VAL F 10 -12.14 -21.19 -2.68
CA VAL F 10 -11.79 -19.77 -2.77
C VAL F 10 -13.03 -19.03 -3.25
N SER F 11 -13.49 -18.07 -2.46
CA SER F 11 -14.69 -17.33 -2.80
C SER F 11 -14.45 -16.53 -4.08
N PRO F 12 -15.38 -16.57 -5.05
CA PRO F 12 -15.16 -15.80 -6.29
C PRO F 12 -15.02 -14.30 -6.04
N GLU F 13 -15.67 -13.77 -5.02
CA GLU F 13 -15.57 -12.35 -4.68
C GLU F 13 -14.15 -11.92 -4.32
N VAL F 14 -13.28 -12.85 -3.94
CA VAL F 14 -11.91 -12.56 -3.58
C VAL F 14 -10.95 -12.81 -4.74
N ILE F 15 -11.19 -13.89 -5.50
CA ILE F 15 -10.22 -14.29 -6.52
C ILE F 15 -10.51 -13.62 -7.86
N LEU F 16 -11.79 -13.46 -8.24
CA LEU F 16 -12.09 -12.89 -9.54
C LEU F 16 -11.64 -11.44 -9.66
N PRO F 17 -11.88 -10.54 -8.68
CA PRO F 17 -11.30 -9.20 -8.78
C PRO F 17 -9.78 -9.21 -8.86
N ILE F 18 -9.13 -10.12 -8.14
CA ILE F 18 -7.67 -10.20 -8.17
C ILE F 18 -7.20 -10.59 -9.57
N MET F 19 -7.85 -11.55 -10.21
CA MET F 19 -7.43 -11.94 -11.55
C MET F 19 -7.77 -10.88 -12.59
N PHE F 20 -8.86 -10.14 -12.39
CA PHE F 20 -9.14 -9.00 -13.27
C PHE F 20 -8.05 -7.94 -13.14
N LEU F 21 -7.61 -7.65 -11.91
CA LEU F 21 -6.51 -6.73 -11.70
C LEU F 21 -5.24 -7.24 -12.36
N ILE F 22 -4.98 -8.54 -12.24
CA ILE F 22 -3.80 -9.13 -12.87
C ILE F 22 -3.86 -9.00 -14.38
N LEU F 23 -5.02 -9.26 -14.99
CA LEU F 23 -5.15 -9.13 -16.44
C LEU F 23 -4.89 -7.69 -16.88
N VAL F 24 -5.49 -6.73 -16.17
CA VAL F 24 -5.32 -5.33 -16.55
C VAL F 24 -3.85 -4.91 -16.42
N LEU F 25 -3.23 -5.25 -15.29
CA LEU F 25 -1.85 -4.86 -15.07
C LEU F 25 -0.90 -5.55 -16.03
N THR F 26 -1.20 -6.80 -16.40
CA THR F 26 -0.35 -7.53 -17.34
C THR F 26 -0.43 -6.91 -18.74
N SER F 27 -1.64 -6.56 -19.18
CA SER F 27 -1.76 -5.90 -20.48
C SER F 27 -1.04 -4.57 -20.48
N LEU F 28 -1.21 -3.79 -19.40
CA LEU F 28 -0.49 -2.52 -19.29
C LEU F 28 1.02 -2.72 -19.27
N THR F 29 1.50 -3.78 -18.63
CA THR F 29 2.92 -4.08 -18.58
C THR F 29 3.47 -4.47 -19.94
N VAL F 30 2.73 -5.27 -20.71
CA VAL F 30 3.18 -5.60 -22.07
C VAL F 30 3.26 -4.34 -22.91
N HIS F 31 2.21 -3.51 -22.86
CA HIS F 31 2.21 -2.28 -23.64
C HIS F 31 3.35 -1.35 -23.24
N PHE F 32 3.58 -1.20 -21.93
CA PHE F 32 4.66 -0.34 -21.45
C PHE F 32 6.03 -0.87 -21.82
N ALA F 33 6.24 -2.19 -21.73
CA ALA F 33 7.52 -2.76 -22.12
C ALA F 33 7.81 -2.55 -23.60
N ILE F 34 6.81 -2.77 -24.46
CA ILE F 34 7.01 -2.53 -25.88
C ILE F 34 7.23 -1.05 -26.15
N LEU F 35 6.52 -0.17 -25.44
CA LEU F 35 6.72 1.26 -25.59
C LEU F 35 8.14 1.67 -25.24
N ILE F 36 8.66 1.15 -24.13
CA ILE F 36 9.98 1.54 -23.66
C ILE F 36 11.08 0.96 -24.55
N ASN F 37 10.95 -0.30 -24.98
CA ASN F 37 12.05 -1.01 -25.60
C ASN F 37 12.01 -1.01 -27.13
N THR F 38 11.22 -0.13 -27.74
CA THR F 38 11.18 -0.03 -29.19
C THR F 38 11.22 1.44 -29.61
N THR F 39 11.67 1.68 -30.83
CA THR F 39 11.63 3.01 -31.43
C THR F 39 10.27 3.30 -32.05
N TRP F 40 9.70 2.35 -32.80
CA TRP F 40 8.31 2.44 -33.17
C TRP F 40 7.43 2.25 -31.93
N PHE F 41 6.15 2.57 -32.07
CA PHE F 41 5.25 2.68 -30.91
C PHE F 41 5.85 3.68 -29.91
N GLY F 42 5.82 4.94 -30.32
CA GLY F 42 6.60 6.01 -29.71
C GLY F 42 7.07 6.92 -30.82
N ASP F 43 7.18 6.36 -32.01
CA ASP F 43 7.17 7.12 -33.26
C ASP F 43 5.80 7.08 -33.93
N PHE F 44 5.05 5.99 -33.72
CA PHE F 44 3.65 5.96 -34.12
C PHE F 44 2.84 6.96 -33.32
N PHE F 45 3.18 7.14 -32.04
CA PHE F 45 2.58 8.20 -31.25
C PHE F 45 2.97 9.57 -31.78
N GLN F 46 4.25 9.73 -32.14
CA GLN F 46 4.75 11.02 -32.63
C GLN F 46 4.07 11.42 -33.93
N GLY F 47 3.90 10.48 -34.86
CA GLY F 47 3.37 10.84 -36.16
C GLY F 47 4.35 11.68 -36.95
N SER F 48 3.82 12.55 -37.80
CA SER F 48 4.64 13.45 -38.59
C SER F 48 3.85 14.67 -39.03
N MET G 1 -24.01 -16.15 -23.74
CA MET G 1 -24.31 -16.49 -22.34
C MET G 1 -24.47 -15.21 -21.54
N ASN G 2 -24.99 -15.33 -20.31
CA ASN G 2 -25.37 -14.18 -19.51
C ASN G 2 -24.25 -13.83 -18.55
N GLU G 3 -23.46 -12.80 -18.89
CA GLU G 3 -22.36 -12.38 -18.03
C GLU G 3 -22.82 -11.57 -16.83
N GLY G 4 -24.05 -11.08 -16.83
CA GLY G 4 -24.59 -10.43 -15.66
C GLY G 4 -24.61 -11.28 -14.41
N ARG G 5 -24.61 -12.60 -14.58
CA ARG G 5 -24.54 -13.52 -13.47
C ARG G 5 -23.23 -13.42 -12.71
N ILE G 6 -22.22 -12.75 -13.27
CA ILE G 6 -21.00 -12.46 -12.52
C ILE G 6 -21.31 -11.63 -11.30
N PHE G 7 -22.46 -10.94 -11.27
CA PHE G 7 -22.86 -10.17 -10.10
C PHE G 7 -23.65 -11.00 -9.10
N LEU G 8 -23.99 -12.24 -9.43
CA LEU G 8 -24.58 -13.16 -8.46
C LEU G 8 -23.52 -13.84 -7.60
N TYR G 9 -22.25 -13.76 -7.99
CA TYR G 9 -21.14 -14.38 -7.28
C TYR G 9 -20.10 -13.37 -6.82
N VAL G 10 -19.92 -12.27 -7.54
CA VAL G 10 -19.05 -11.18 -7.12
C VAL G 10 -19.93 -9.98 -6.80
N SER G 11 -19.83 -9.50 -5.57
CA SER G 11 -20.67 -8.38 -5.16
C SER G 11 -20.31 -7.13 -5.95
N PRO G 12 -21.29 -6.40 -6.48
CA PRO G 12 -20.96 -5.18 -7.24
C PRO G 12 -20.21 -4.15 -6.42
N GLU G 13 -20.44 -4.09 -5.11
CA GLU G 13 -19.74 -3.17 -4.23
C GLU G 13 -18.24 -3.39 -4.20
N VAL G 14 -17.76 -4.58 -4.56
CA VAL G 14 -16.35 -4.89 -4.58
C VAL G 14 -15.76 -4.72 -5.97
N ILE G 15 -16.49 -5.12 -7.01
CA ILE G 15 -15.91 -5.16 -8.35
C ILE G 15 -16.08 -3.82 -9.08
N LEU G 16 -17.25 -3.17 -8.92
CA LEU G 16 -17.48 -1.93 -9.66
C LEU G 16 -16.50 -0.82 -9.29
N PRO G 17 -16.23 -0.55 -8.00
CA PRO G 17 -15.18 0.43 -7.69
C PRO G 17 -13.82 0.06 -8.26
N ILE G 18 -13.50 -1.23 -8.30
CA ILE G 18 -12.22 -1.67 -8.85
C ILE G 18 -12.12 -1.31 -10.33
N MET G 19 -13.17 -1.57 -11.10
CA MET G 19 -13.11 -1.26 -12.52
C MET G 19 -13.22 0.24 -12.78
N PHE G 20 -13.86 0.99 -11.89
CA PHE G 20 -13.82 2.44 -12.01
C PHE G 20 -12.40 2.97 -11.79
N LEU G 21 -11.71 2.43 -10.78
CA LEU G 21 -10.30 2.74 -10.57
C LEU G 21 -9.47 2.36 -11.80
N ILE G 22 -9.80 1.22 -12.41
CA ILE G 22 -9.08 0.77 -13.61
C ILE G 22 -9.29 1.75 -14.76
N LEU G 23 -10.53 2.21 -14.96
CA LEU G 23 -10.79 3.23 -15.99
C LEU G 23 -9.94 4.47 -15.75
N VAL G 24 -9.97 4.98 -14.52
CA VAL G 24 -9.25 6.22 -14.22
C VAL G 24 -7.76 6.03 -14.46
N LEU G 25 -7.19 4.95 -13.92
CA LEU G 25 -5.76 4.72 -14.03
C LEU G 25 -5.35 4.46 -15.48
N THR G 26 -6.20 3.78 -16.25
CA THR G 26 -5.86 3.48 -17.64
C THR G 26 -5.89 4.75 -18.49
N SER G 27 -6.89 5.61 -18.28
CA SER G 27 -6.92 6.87 -19.01
C SER G 27 -5.72 7.74 -18.65
N LEU G 28 -5.39 7.81 -17.36
CA LEU G 28 -4.20 8.56 -16.95
C LEU G 28 -2.94 7.96 -17.55
N THR G 29 -2.88 6.64 -17.67
CA THR G 29 -1.71 5.97 -18.25
C THR G 29 -1.58 6.28 -19.73
N VAL G 30 -2.69 6.26 -20.48
CA VAL G 30 -2.62 6.61 -21.90
C VAL G 30 -2.14 8.05 -22.06
N HIS G 31 -2.73 8.97 -21.29
CA HIS G 31 -2.34 10.37 -21.38
C HIS G 31 -0.87 10.57 -21.01
N PHE G 32 -0.41 9.89 -19.96
CA PHE G 32 0.97 10.03 -19.52
C PHE G 32 1.93 9.44 -20.55
N ALA G 33 1.59 8.30 -21.15
CA ALA G 33 2.45 7.69 -22.16
C ALA G 33 2.58 8.60 -23.37
N ILE G 34 1.47 9.19 -23.81
CA ILE G 34 1.53 10.09 -24.96
C ILE G 34 2.30 11.36 -24.60
N LEU G 35 2.13 11.85 -23.37
CA LEU G 35 2.86 13.02 -22.91
C LEU G 35 4.36 12.78 -22.92
N ILE G 36 4.78 11.61 -22.43
CA ILE G 36 6.20 11.32 -22.32
C ILE G 36 6.83 11.01 -23.67
N ASN G 37 6.12 10.28 -24.54
CA ASN G 37 6.73 9.73 -25.74
C ASN G 37 6.48 10.57 -27.00
N THR G 38 6.04 11.82 -26.85
CA THR G 38 5.82 12.70 -27.99
C THR G 38 6.39 14.08 -27.68
N THR G 39 6.69 14.82 -28.75
CA THR G 39 7.10 16.21 -28.63
C THR G 39 5.91 17.15 -28.54
N TRP G 40 4.89 16.94 -29.38
CA TRP G 40 3.62 17.60 -29.19
C TRP G 40 2.93 17.02 -27.95
N PHE G 41 1.89 17.70 -27.48
CA PHE G 41 1.30 17.41 -26.18
C PHE G 41 2.37 17.52 -25.10
N GLY G 42 2.78 18.76 -24.87
CA GLY G 42 3.98 19.09 -24.13
C GLY G 42 4.62 20.28 -24.81
N ASP G 43 4.35 20.42 -26.11
CA ASP G 43 4.46 21.68 -26.82
C ASP G 43 3.12 22.38 -26.95
N PHE G 44 2.03 21.61 -27.00
CA PHE G 44 0.69 22.18 -26.88
C PHE G 44 0.48 22.77 -25.49
N PHE G 45 1.03 22.12 -24.46
CA PHE G 45 1.05 22.71 -23.13
C PHE G 45 1.87 23.98 -23.09
N GLN G 46 3.05 23.96 -23.73
CA GLN G 46 3.94 25.12 -23.74
C GLN G 46 3.29 26.30 -24.46
N GLY G 47 2.65 26.06 -25.60
CA GLY G 47 2.12 27.15 -26.39
C GLY G 47 3.23 28.00 -26.96
N SER G 48 2.96 29.30 -27.06
CA SER G 48 3.96 30.24 -27.57
C SER G 48 3.67 31.66 -27.09
N MET H 1 -34.00 4.18 -16.83
CA MET H 1 -32.58 4.28 -17.18
C MET H 1 -31.94 5.35 -16.28
N ASN H 2 -31.99 5.12 -14.97
CA ASN H 2 -31.51 6.07 -13.98
C ASN H 2 -30.21 5.55 -13.38
N GLU H 3 -29.09 6.21 -13.71
CA GLU H 3 -27.80 5.77 -13.21
C GLU H 3 -27.67 5.86 -11.70
N GLY H 4 -28.49 6.68 -11.04
CA GLY H 4 -28.47 6.76 -9.59
C GLY H 4 -28.78 5.46 -8.89
N ARG H 5 -29.46 4.55 -9.56
CA ARG H 5 -29.73 3.22 -9.02
C ARG H 5 -28.46 2.43 -8.77
N ILE H 6 -27.31 2.90 -9.28
CA ILE H 6 -26.03 2.29 -8.92
C ILE H 6 -25.82 2.34 -7.41
N PHE H 7 -26.33 3.38 -6.75
CA PHE H 7 -26.22 3.50 -5.30
C PHE H 7 -27.10 2.49 -4.56
N LEU H 8 -28.00 1.81 -5.27
CA LEU H 8 -28.71 0.69 -4.68
C LEU H 8 -27.89 -0.60 -4.68
N TYR H 9 -26.79 -0.63 -5.43
CA TYR H 9 -25.95 -1.81 -5.51
C TYR H 9 -24.52 -1.58 -5.04
N VAL H 10 -24.01 -0.36 -5.16
CA VAL H 10 -22.72 0.01 -4.60
C VAL H 10 -22.98 1.04 -3.51
N SER H 11 -22.55 0.74 -2.29
CA SER H 11 -22.81 1.63 -1.18
C SER H 11 -22.07 2.95 -1.36
N PRO H 12 -22.73 4.09 -1.15
CA PRO H 12 -22.05 5.38 -1.30
C PRO H 12 -20.84 5.53 -0.39
N GLU H 13 -20.85 4.92 0.79
CA GLU H 13 -19.72 4.98 1.72
C GLU H 13 -18.45 4.39 1.14
N VAL H 14 -18.57 3.50 0.14
CA VAL H 14 -17.41 2.88 -0.49
C VAL H 14 -16.99 3.61 -1.76
N ILE H 15 -17.96 4.06 -2.56
CA ILE H 15 -17.63 4.60 -3.88
C ILE H 15 -17.36 6.10 -3.81
N LEU H 16 -18.13 6.84 -2.99
CA LEU H 16 -17.96 8.30 -2.97
C LEU H 16 -16.58 8.72 -2.49
N PRO H 17 -16.03 8.17 -1.41
CA PRO H 17 -14.63 8.48 -1.06
C PRO H 17 -13.65 8.14 -2.17
N ILE H 18 -13.89 7.05 -2.89
CA ILE H 18 -12.99 6.66 -3.98
C ILE H 18 -13.01 7.70 -5.09
N MET H 19 -14.20 8.19 -5.47
CA MET H 19 -14.24 9.19 -6.52
C MET H 19 -13.71 10.54 -6.04
N PHE H 20 -13.89 10.87 -4.76
CA PHE H 20 -13.26 12.09 -4.24
C PHE H 20 -11.75 11.99 -4.30
N LEU H 21 -11.20 10.85 -3.89
CA LEU H 21 -9.75 10.62 -4.00
C LEU H 21 -9.29 10.71 -5.44
N ILE H 22 -10.05 10.14 -6.37
CA ILE H 22 -9.67 10.15 -7.77
C ILE H 22 -9.74 11.56 -8.34
N LEU H 23 -10.74 12.35 -7.94
CA LEU H 23 -10.81 13.74 -8.38
C LEU H 23 -9.61 14.53 -7.90
N VAL H 24 -9.25 14.37 -6.63
CA VAL H 24 -8.10 15.07 -6.08
C VAL H 24 -6.82 14.66 -6.81
N LEU H 25 -6.62 13.35 -7.00
CA LEU H 25 -5.40 12.87 -7.65
C LEU H 25 -5.35 13.31 -9.10
N THR H 26 -6.49 13.37 -9.78
CA THR H 26 -6.51 13.78 -11.17
C THR H 26 -6.18 15.27 -11.30
N SER H 27 -6.72 16.10 -10.43
CA SER H 27 -6.38 17.52 -10.46
C SER H 27 -4.89 17.73 -10.18
N LEU H 28 -4.37 17.02 -9.17
CA LEU H 28 -2.94 17.11 -8.89
C LEU H 28 -2.10 16.60 -10.05
N THR H 29 -2.60 15.59 -10.77
CA THR H 29 -1.87 15.06 -11.92
C THR H 29 -1.83 16.06 -13.07
N VAL H 30 -2.96 16.73 -13.34
CA VAL H 30 -2.96 17.77 -14.37
C VAL H 30 -1.98 18.88 -14.01
N HIS H 31 -2.03 19.34 -12.76
CA HIS H 31 -1.15 20.41 -12.34
C HIS H 31 0.32 19.98 -12.43
N PHE H 32 0.63 18.74 -12.00
CA PHE H 32 2.00 18.26 -12.05
C PHE H 32 2.49 18.09 -13.48
N ALA H 33 1.64 17.58 -14.37
CA ALA H 33 2.03 17.41 -15.76
C ALA H 33 2.33 18.74 -16.42
N ILE H 34 1.49 19.75 -16.16
CA ILE H 34 1.74 21.07 -16.73
C ILE H 34 2.98 21.69 -16.12
N LEU H 35 3.20 21.48 -14.82
CA LEU H 35 4.39 21.99 -14.15
C LEU H 35 5.66 21.40 -14.75
N ILE H 36 5.65 20.10 -15.01
CA ILE H 36 6.84 19.42 -15.51
C ILE H 36 7.09 19.73 -16.98
N ASN H 37 6.04 19.78 -17.81
CA ASN H 37 6.21 19.83 -19.25
C ASN H 37 6.13 21.23 -19.84
N THR H 38 6.28 22.26 -19.01
CA THR H 38 6.28 23.64 -19.49
C THR H 38 7.41 24.43 -18.83
N THR H 39 7.82 25.51 -19.49
CA THR H 39 8.78 26.44 -18.92
C THR H 39 8.10 27.47 -18.03
N TRP H 40 6.97 28.04 -18.47
CA TRP H 40 6.11 28.76 -17.57
C TRP H 40 5.46 27.79 -16.60
N PHE H 41 4.84 28.32 -15.55
CA PHE H 41 4.43 27.51 -14.40
C PHE H 41 5.66 26.79 -13.84
N GLY H 42 6.52 27.59 -13.21
CA GLY H 42 7.87 27.20 -12.87
C GLY H 42 8.77 28.40 -13.09
N ASP H 43 8.35 29.28 -13.98
CA ASP H 43 8.82 30.66 -14.03
C ASP H 43 7.84 31.62 -13.35
N PHE H 44 6.55 31.29 -13.39
CA PHE H 44 5.57 31.99 -12.57
C PHE H 44 5.83 31.77 -11.09
N PHE H 45 6.22 30.55 -10.72
CA PHE H 45 6.66 30.28 -9.35
C PHE H 45 7.93 31.07 -9.03
N GLN H 46 8.88 31.10 -9.96
CA GLN H 46 10.15 31.80 -9.76
C GLN H 46 9.95 33.30 -9.60
N GLY H 47 9.09 33.91 -10.39
CA GLY H 47 8.94 35.35 -10.34
C GLY H 47 10.19 36.03 -10.86
N SER H 48 10.52 37.18 -10.28
CA SER H 48 11.71 37.92 -10.66
C SER H 48 12.15 38.87 -9.55
N MET I 1 -30.78 22.77 -1.24
CA MET I 1 -29.90 21.70 -1.70
C MET I 1 -28.75 21.59 -0.70
N ASN I 2 -28.95 20.80 0.35
CA ASN I 2 -28.07 20.79 1.51
C ASN I 2 -26.98 19.74 1.33
N GLU I 3 -25.73 20.17 1.32
CA GLU I 3 -24.61 19.25 1.15
C GLU I 3 -24.20 18.58 2.46
N GLY I 4 -24.85 18.89 3.57
CA GLY I 4 -24.64 18.13 4.78
C GLY I 4 -25.23 16.74 4.75
N ARG I 5 -26.23 16.52 3.89
CA ARG I 5 -26.86 15.22 3.75
C ARG I 5 -25.92 14.17 3.19
N ILE I 6 -24.75 14.58 2.68
CA ILE I 6 -23.72 13.62 2.31
C ILE I 6 -23.26 12.81 3.52
N PHE I 7 -23.45 13.33 4.73
CA PHE I 7 -23.10 12.61 5.94
C PHE I 7 -24.18 11.65 6.39
N LEU I 8 -25.36 11.69 5.77
CA LEU I 8 -26.38 10.69 6.01
C LEU I 8 -26.18 9.43 5.21
N TYR I 9 -25.31 9.47 4.19
CA TYR I 9 -25.03 8.35 3.32
C TYR I 9 -23.57 7.92 3.36
N VAL I 10 -22.65 8.85 3.58
CA VAL I 10 -21.23 8.56 3.74
C VAL I 10 -20.87 8.81 5.20
N SER I 11 -20.32 7.79 5.86
CA SER I 11 -19.99 7.90 7.27
C SER I 11 -18.89 8.95 7.46
N PRO I 12 -19.08 9.91 8.39
CA PRO I 12 -18.02 10.89 8.64
C PRO I 12 -16.72 10.25 9.09
N GLU I 13 -16.77 9.14 9.80
CA GLU I 13 -15.58 8.41 10.22
C GLU I 13 -14.75 7.91 9.05
N VAL I 14 -15.34 7.78 7.86
CA VAL I 14 -14.65 7.31 6.68
C VAL I 14 -14.17 8.47 5.81
N ILE I 15 -14.99 9.51 5.67
CA ILE I 15 -14.68 10.57 4.71
C ILE I 15 -13.83 11.67 5.35
N LEU I 16 -14.10 12.02 6.63
CA LEU I 16 -13.34 13.11 7.25
C LEU I 16 -11.86 12.80 7.39
N PRO I 17 -11.44 11.61 7.87
CA PRO I 17 -10.00 11.31 7.85
C PRO I 17 -9.40 11.34 6.45
N ILE I 18 -10.15 10.89 5.45
CA ILE I 18 -9.65 10.92 4.07
C ILE I 18 -9.43 12.36 3.62
N MET I 19 -10.37 13.25 3.91
CA MET I 19 -10.19 14.64 3.49
C MET I 19 -9.10 15.34 4.28
N PHE I 20 -8.90 14.97 5.55
CA PHE I 20 -7.77 15.50 6.30
C PHE I 20 -6.45 15.05 5.69
N LEU I 21 -6.36 13.78 5.29
CA LEU I 21 -5.18 13.29 4.58
C LEU I 21 -4.97 14.04 3.28
N ILE I 22 -6.05 14.29 2.54
CA ILE I 22 -5.96 15.05 1.29
C ILE I 22 -5.44 16.46 1.55
N LEU I 23 -5.95 17.12 2.58
CA LEU I 23 -5.49 18.47 2.89
C LEU I 23 -4.00 18.48 3.22
N VAL I 24 -3.56 17.54 4.06
CA VAL I 24 -2.15 17.49 4.44
C VAL I 24 -1.28 17.22 3.21
N LEU I 25 -1.65 16.23 2.41
CA LEU I 25 -0.84 15.86 1.25
C LEU I 25 -0.84 16.98 0.21
N THR I 26 -1.94 17.70 0.07
CA THR I 26 -1.99 18.80 -0.89
C THR I 26 -1.10 19.95 -0.45
N SER I 27 -1.13 20.28 0.84
CA SER I 27 -0.23 21.35 1.32
C SER I 27 1.22 20.94 1.14
N LEU I 28 1.56 19.69 1.48
CA LEU I 28 2.92 19.21 1.28
C LEU I 28 3.30 19.21 -0.19
N THR I 29 2.35 18.93 -1.08
CA THR I 29 2.63 18.92 -2.50
C THR I 29 2.88 20.33 -3.04
N VAL I 30 2.10 21.32 -2.59
CA VAL I 30 2.37 22.69 -2.98
C VAL I 30 3.75 23.12 -2.51
N HIS I 31 4.07 22.84 -1.25
CA HIS I 31 5.38 23.22 -0.72
C HIS I 31 6.51 22.53 -1.48
N PHE I 32 6.35 21.24 -1.77
CA PHE I 32 7.40 20.51 -2.48
C PHE I 32 7.55 21.00 -3.91
N ALA I 33 6.44 21.32 -4.59
CA ALA I 33 6.52 21.82 -5.95
C ALA I 33 7.24 23.16 -6.01
N ILE I 34 6.93 24.05 -5.06
CA ILE I 34 7.60 25.34 -5.02
C ILE I 34 9.07 25.17 -4.66
N LEU I 35 9.37 24.23 -3.76
CA LEU I 35 10.75 23.95 -3.39
C LEU I 35 11.56 23.48 -4.58
N ILE I 36 11.00 22.56 -5.36
CA ILE I 36 11.71 21.98 -6.49
C ILE I 36 11.85 22.97 -7.64
N ASN I 37 10.81 23.75 -7.93
CA ASN I 37 10.76 24.53 -9.17
C ASN I 37 11.16 25.99 -8.99
N THR I 38 11.82 26.34 -7.88
CA THR I 38 12.29 27.70 -7.66
C THR I 38 13.72 27.67 -7.14
N THR I 39 14.42 28.79 -7.33
CA THR I 39 15.75 28.97 -6.75
C THR I 39 15.68 29.48 -5.32
N TRP I 40 14.83 30.48 -5.05
CA TRP I 40 14.49 30.82 -3.69
C TRP I 40 13.66 29.71 -3.07
N PHE I 41 13.51 29.75 -1.75
CA PHE I 41 12.94 28.62 -0.99
C PHE I 41 13.76 27.36 -1.26
N GLY I 42 14.98 27.41 -0.73
CA GLY I 42 16.06 26.51 -1.11
C GLY I 42 17.33 27.31 -1.11
N ASP I 43 17.19 28.62 -1.33
CA ASP I 43 18.19 29.60 -0.97
C ASP I 43 17.84 30.31 0.33
N PHE I 44 16.54 30.41 0.64
CA PHE I 44 16.09 30.84 1.95
C PHE I 44 16.45 29.81 3.01
N PHE I 45 16.37 28.53 2.67
CA PHE I 45 16.87 27.48 3.54
C PHE I 45 18.37 27.60 3.73
N GLN I 46 19.11 27.86 2.65
CA GLN I 46 20.56 27.94 2.71
C GLN I 46 21.03 29.09 3.59
N GLY I 47 20.37 30.25 3.48
CA GLY I 47 20.83 31.41 4.23
C GLY I 47 22.17 31.90 3.71
N SER I 48 22.96 32.47 4.61
CA SER I 48 24.29 32.94 4.25
C SER I 48 25.16 33.10 5.50
N MET J 1 -17.12 27.86 18.40
CA MET J 1 -17.84 26.60 18.45
C MET J 1 -16.90 25.49 18.89
N ASN J 2 -17.45 24.37 19.37
CA ASN J 2 -16.68 23.32 20.04
C ASN J 2 -16.27 22.28 19.00
N GLU J 3 -14.98 22.28 18.63
CA GLU J 3 -14.48 21.29 17.70
C GLU J 3 -14.28 19.92 18.32
N GLY J 4 -14.32 19.81 19.65
CA GLY J 4 -14.28 18.50 20.28
C GLY J 4 -15.38 17.57 19.87
N ARG J 5 -16.51 18.13 19.43
CA ARG J 5 -17.62 17.33 18.90
C ARG J 5 -17.25 16.59 17.63
N ILE J 6 -16.06 16.84 17.06
CA ILE J 6 -15.58 16.01 15.97
C ILE J 6 -15.32 14.59 16.44
N PHE J 7 -15.13 14.38 17.74
CA PHE J 7 -14.92 13.05 18.29
C PHE J 7 -16.21 12.33 18.60
N LEU J 8 -17.36 13.00 18.50
CA LEU J 8 -18.65 12.34 18.59
C LEU J 8 -19.08 11.71 17.28
N TYR J 9 -18.43 12.06 16.17
CA TYR J 9 -18.74 11.54 14.86
C TYR J 9 -17.58 10.80 14.21
N VAL J 10 -16.34 11.20 14.51
CA VAL J 10 -15.15 10.49 14.05
C VAL J 10 -14.53 9.80 15.25
N SER J 11 -14.36 8.49 15.14
CA SER J 11 -13.80 7.72 16.25
C SER J 11 -12.36 8.16 16.52
N PRO J 12 -12.01 8.48 17.77
CA PRO J 12 -10.62 8.84 18.06
C PRO J 12 -9.62 7.75 17.70
N GLU J 13 -10.02 6.48 17.81
CA GLU J 13 -9.18 5.35 17.43
C GLU J 13 -8.81 5.36 15.94
N VAL J 14 -9.56 6.07 15.11
CA VAL J 14 -9.31 6.15 13.68
C VAL J 14 -8.54 7.42 13.32
N ILE J 15 -8.89 8.55 13.95
CA ILE J 15 -8.32 9.82 13.53
C ILE J 15 -7.03 10.13 14.27
N LEU J 16 -6.94 9.78 15.57
CA LEU J 16 -5.75 10.13 16.33
C LEU J 16 -4.49 9.41 15.82
N PRO J 17 -4.51 8.10 15.55
CA PRO J 17 -3.33 7.48 14.91
C PRO J 17 -2.98 8.10 13.57
N ILE J 18 -4.00 8.48 12.79
CA ILE J 18 -3.74 9.10 11.49
C ILE J 18 -3.02 10.43 11.66
N MET J 19 -3.47 11.25 12.62
CA MET J 19 -2.81 12.54 12.81
C MET J 19 -1.43 12.38 13.44
N PHE J 20 -1.21 11.35 14.26
CA PHE J 20 0.13 11.08 14.76
C PHE J 20 1.06 10.69 13.61
N LEU J 21 0.58 9.85 12.69
CA LEU J 21 1.35 9.51 11.50
C LEU J 21 1.64 10.75 10.67
N ILE J 22 0.65 11.63 10.52
CA ILE J 22 0.84 12.88 9.77
C ILE J 22 1.91 13.74 10.43
N LEU J 23 1.88 13.87 11.75
CA LEU J 23 2.87 14.68 12.45
C LEU J 23 4.26 14.11 12.24
N VAL J 24 4.41 12.79 12.37
CA VAL J 24 5.73 12.17 12.20
C VAL J 24 6.23 12.38 10.78
N LEU J 25 5.37 12.11 9.78
CA LEU J 25 5.79 12.23 8.40
C LEU J 25 6.09 13.67 8.02
N THR J 26 5.36 14.63 8.60
CA THR J 26 5.61 16.03 8.30
C THR J 26 6.95 16.48 8.89
N SER J 27 7.25 16.07 10.13
CA SER J 27 8.55 16.42 10.70
C SER J 27 9.69 15.80 9.90
N LEU J 28 9.53 14.53 9.51
CA LEU J 28 10.56 13.89 8.68
C LEU J 28 10.67 14.58 7.32
N THR J 29 9.56 15.08 6.78
CA THR J 29 9.60 15.77 5.50
C THR J 29 10.33 17.10 5.61
N VAL J 30 10.10 17.86 6.69
CA VAL J 30 10.84 19.11 6.89
C VAL J 30 12.32 18.82 7.01
N HIS J 31 12.68 17.82 7.83
CA HIS J 31 14.09 17.49 8.01
C HIS J 31 14.72 17.04 6.69
N PHE J 32 14.03 16.21 5.91
CA PHE J 32 14.57 15.74 4.64
C PHE J 32 14.70 16.86 3.64
N ALA J 33 13.72 17.77 3.57
CA ALA J 33 13.81 18.89 2.65
C ALA J 33 14.99 19.80 2.98
N ILE J 34 15.20 20.09 4.26
CA ILE J 34 16.34 20.92 4.65
C ILE J 34 17.65 20.18 4.38
N LEU J 35 17.66 18.86 4.61
CA LEU J 35 18.85 18.06 4.33
C LEU J 35 19.22 18.12 2.85
N ILE J 36 18.22 17.98 1.98
CA ILE J 36 18.48 17.92 0.55
C ILE J 36 18.83 19.30 -0.01
N ASN J 37 18.16 20.36 0.43
CA ASN J 37 18.26 21.65 -0.22
C ASN J 37 19.24 22.62 0.46
N THR J 38 20.13 22.11 1.31
CA THR J 38 21.14 22.95 1.94
C THR J 38 22.50 22.25 1.89
N THR J 39 23.56 23.06 1.99
CA THR J 39 24.91 22.53 2.11
C THR J 39 25.26 22.20 3.56
N TRP J 40 24.93 23.09 4.50
CA TRP J 40 24.96 22.73 5.90
C TRP J 40 23.84 21.75 6.20
N PHE J 41 23.91 21.11 7.38
CA PHE J 41 23.06 19.97 7.70
C PHE J 41 23.27 18.88 6.64
N GLY J 42 24.46 18.30 6.69
CA GLY J 42 25.02 17.50 5.62
C GLY J 42 26.50 17.78 5.54
N ASP J 43 26.87 18.98 5.98
CA ASP J 43 28.23 19.27 6.42
C ASP J 43 28.36 19.21 7.93
N PHE J 44 27.27 19.52 8.64
CA PHE J 44 27.21 19.25 10.08
C PHE J 44 27.28 17.75 10.36
N PHE J 45 26.62 16.95 9.51
CA PHE J 45 26.77 15.50 9.59
C PHE J 45 28.20 15.07 9.30
N GLN J 46 28.81 15.68 8.27
CA GLN J 46 30.17 15.32 7.88
C GLN J 46 31.18 15.63 8.98
N GLY J 47 31.05 16.79 9.62
CA GLY J 47 32.04 17.19 10.60
C GLY J 47 33.37 17.49 9.93
N SER J 48 34.45 17.27 10.67
CA SER J 48 35.80 17.47 10.13
C SER J 48 36.83 16.69 10.94
N MET K 1 -2.86 16.62 34.42
CA MET K 1 -3.40 15.96 33.23
C MET K 1 -2.64 14.68 32.92
N ASN K 2 -3.36 13.57 32.82
CA ASN K 2 -2.77 12.25 32.62
C ASN K 2 -2.90 11.89 31.14
N GLU K 3 -1.76 11.74 30.47
CA GLU K 3 -1.76 11.38 29.05
C GLU K 3 -1.95 9.90 28.81
N GLY K 4 -2.05 9.09 29.86
CA GLY K 4 -2.40 7.69 29.71
C GLY K 4 -3.84 7.45 29.35
N ARG K 5 -4.70 8.43 29.63
CA ARG K 5 -6.13 8.28 29.33
C ARG K 5 -6.39 8.23 27.83
N ILE K 6 -5.40 8.52 26.99
CA ILE K 6 -5.52 8.35 25.55
C ILE K 6 -5.81 6.88 25.27
N PHE K 7 -5.27 5.99 26.12
CA PHE K 7 -5.52 4.56 25.97
C PHE K 7 -6.94 4.18 26.37
N LEU K 8 -7.69 5.08 27.01
CA LEU K 8 -9.11 4.88 27.21
C LEU K 8 -9.92 5.21 25.97
N TYR K 9 -9.32 5.89 24.99
CA TYR K 9 -10.00 6.30 23.78
C TYR K 9 -9.36 5.75 22.52
N VAL K 10 -8.05 5.55 22.51
CA VAL K 10 -7.35 4.91 21.41
C VAL K 10 -6.90 3.53 21.88
N SER K 11 -7.31 2.50 21.16
CA SER K 11 -6.96 1.13 21.55
C SER K 11 -5.45 0.94 21.49
N PRO K 12 -4.83 0.42 22.55
CA PRO K 12 -3.37 0.18 22.50
C PRO K 12 -2.97 -0.76 21.38
N GLU K 13 -3.82 -1.73 21.03
CA GLU K 13 -3.56 -2.65 19.93
C GLU K 13 -3.45 -1.94 18.59
N VAL K 14 -3.97 -0.73 18.46
CA VAL K 14 -3.93 0.04 17.22
C VAL K 14 -2.79 1.05 17.23
N ILE K 15 -2.54 1.68 18.38
CA ILE K 15 -1.58 2.78 18.43
C ILE K 15 -0.16 2.27 18.73
N LEU K 16 -0.02 1.28 19.62
CA LEU K 16 1.32 0.82 19.99
C LEU K 16 2.07 0.20 18.82
N PRO K 17 1.48 -0.69 18.02
CA PRO K 17 2.20 -1.16 16.80
C PRO K 17 2.55 -0.03 15.85
N ILE K 18 1.68 0.97 15.72
CA ILE K 18 1.97 2.09 14.84
C ILE K 18 3.19 2.87 15.34
N MET K 19 3.25 3.13 16.66
CA MET K 19 4.40 3.87 17.18
C MET K 19 5.67 3.04 17.15
N PHE K 20 5.56 1.71 17.27
CA PHE K 20 6.74 0.87 17.09
C PHE K 20 7.25 0.94 15.66
N LEU K 21 6.34 0.91 14.68
CA LEU K 21 6.72 1.11 13.29
C LEU K 21 7.38 2.48 13.10
N ILE K 22 6.83 3.51 13.72
CA ILE K 22 7.40 4.85 13.62
C ILE K 22 8.81 4.88 14.20
N LEU K 23 9.01 4.26 15.36
CA LEU K 23 10.34 4.24 15.96
C LEU K 23 11.35 3.55 15.06
N VAL K 24 10.97 2.39 14.51
CA VAL K 24 11.87 1.65 13.63
C VAL K 24 12.20 2.47 12.39
N LEU K 25 11.17 3.03 11.75
CA LEU K 25 11.38 3.76 10.51
C LEU K 25 12.18 5.03 10.75
N THR K 26 11.99 5.68 11.90
CA THR K 26 12.75 6.88 12.20
C THR K 26 14.22 6.56 12.43
N SER K 27 14.50 5.48 13.17
CA SER K 27 15.90 5.08 13.37
C SER K 27 16.56 4.73 12.05
N LEU K 28 15.86 3.96 11.21
CA LEU K 28 16.41 3.62 9.89
C LEU K 28 16.59 4.85 9.04
N THR K 29 15.72 5.85 9.17
CA THR K 29 15.83 7.07 8.38
C THR K 29 17.03 7.90 8.82
N VAL K 30 17.27 7.99 10.14
CA VAL K 30 18.47 8.69 10.61
C VAL K 30 19.72 8.00 10.10
N HIS K 31 19.76 6.66 10.22
CA HIS K 31 20.93 5.92 9.75
C HIS K 31 21.14 6.10 8.26
N PHE K 32 20.07 6.04 7.47
CA PHE K 32 20.18 6.19 6.03
C PHE K 32 20.61 7.60 5.64
N ALA K 33 20.08 8.62 6.32
CA ALA K 33 20.47 9.99 6.02
C ALA K 33 21.94 10.22 6.31
N ILE K 34 22.43 9.71 7.44
CA ILE K 34 23.85 9.86 7.75
C ILE K 34 24.70 9.06 6.76
N LEU K 35 24.23 7.87 6.36
CA LEU K 35 24.95 7.07 5.38
C LEU K 35 25.08 7.80 4.05
N ILE K 36 24.00 8.42 3.60
CA ILE K 36 24.00 9.08 2.30
C ILE K 36 24.79 10.39 2.33
N ASN K 37 24.68 11.17 3.40
CA ASN K 37 25.19 12.54 3.41
C ASN K 37 26.55 12.67 4.06
N THR K 38 27.29 11.59 4.25
CA THR K 38 28.63 11.63 4.81
C THR K 38 29.56 10.74 4.01
N THR K 39 30.86 11.03 4.09
CA THR K 39 31.88 10.18 3.50
C THR K 39 32.27 9.04 4.45
N TRP K 40 32.46 9.34 5.73
CA TRP K 40 32.55 8.30 6.73
C TRP K 40 31.18 7.64 6.90
N PHE K 41 31.16 6.50 7.59
CA PHE K 41 29.97 5.64 7.62
C PHE K 41 29.57 5.30 6.19
N GLY K 42 30.41 4.48 5.57
CA GLY K 42 30.43 4.27 4.13
C GLY K 42 31.88 4.15 3.70
N ASP K 43 32.76 4.77 4.49
CA ASP K 43 34.17 4.41 4.52
C ASP K 43 34.49 3.52 5.71
N PHE K 44 33.75 3.65 6.80
CA PHE K 44 33.82 2.68 7.90
C PHE K 44 33.33 1.32 7.45
N PHE K 45 32.29 1.29 6.62
CA PHE K 45 31.85 0.04 6.00
C PHE K 45 32.93 -0.54 5.11
N GLN K 46 33.55 0.30 4.29
CA GLN K 46 34.59 -0.17 3.37
C GLN K 46 35.82 -0.67 4.12
N GLY K 47 36.23 0.05 5.17
CA GLY K 47 37.46 -0.32 5.86
C GLY K 47 38.67 -0.12 4.97
N SER K 48 39.65 -1.00 5.12
CA SER K 48 40.86 -0.95 4.30
C SER K 48 41.51 -2.32 4.19
N ASP L 5 -11.40 -38.12 10.82
CA ASP L 5 -12.48 -38.14 9.85
C ASP L 5 -13.69 -37.39 10.37
N THR L 6 -14.41 -36.72 9.46
CA THR L 6 -15.60 -35.93 9.76
C THR L 6 -15.31 -34.79 10.73
N LYS L 7 -14.02 -34.52 10.97
CA LYS L 7 -13.64 -33.44 11.89
C LYS L 7 -13.51 -32.14 11.11
N VAL L 8 -14.06 -31.06 11.66
CA VAL L 8 -13.97 -29.74 11.05
C VAL L 8 -12.87 -28.97 11.76
N TYR L 9 -11.93 -28.46 10.98
CA TYR L 9 -10.76 -27.75 11.49
C TYR L 9 -11.03 -26.25 11.50
N PRO L 10 -10.16 -25.46 12.18
CA PRO L 10 -10.44 -24.02 12.31
C PRO L 10 -10.66 -23.28 10.99
N THR L 11 -10.19 -23.84 9.88
CA THR L 11 -10.45 -23.26 8.58
C THR L 11 -11.82 -23.61 8.03
N GLY L 12 -12.52 -24.56 8.65
CA GLY L 12 -13.82 -24.99 8.19
C GLY L 12 -13.81 -26.15 7.22
N LEU L 13 -12.67 -26.81 7.03
CA LEU L 13 -12.54 -27.91 6.10
C LEU L 13 -12.17 -29.20 6.82
N THR L 14 -12.50 -30.32 6.20
CA THR L 14 -12.09 -31.62 6.68
C THR L 14 -10.78 -32.01 6.01
N GLU L 15 -10.18 -33.11 6.46
CA GLU L 15 -8.89 -33.54 5.91
C GLU L 15 -8.99 -33.97 4.45
N ALA L 16 -10.09 -34.62 4.08
CA ALA L 16 -10.27 -35.05 2.69
C ALA L 16 -10.30 -33.85 1.75
N GLN L 17 -11.01 -32.78 2.13
CA GLN L 17 -11.06 -31.58 1.31
C GLN L 17 -9.69 -30.93 1.18
N ALA L 18 -8.95 -30.86 2.30
CA ALA L 18 -7.61 -30.29 2.26
C ALA L 18 -6.67 -31.08 1.36
N LEU L 19 -6.75 -32.41 1.43
CA LEU L 19 -5.96 -33.26 0.54
C LEU L 19 -6.39 -33.15 -0.92
N GLU L 20 -7.68 -32.96 -1.18
CA GLU L 20 -8.13 -32.71 -2.54
C GLU L 20 -7.53 -31.42 -3.09
N ILE L 21 -7.50 -30.36 -2.27
CA ILE L 21 -6.90 -29.11 -2.71
C ILE L 21 -5.41 -29.32 -3.02
N ASN L 22 -4.72 -30.07 -2.17
CA ASN L 22 -3.31 -30.39 -2.40
C ASN L 22 -3.09 -31.16 -3.70
N ASP L 23 -3.88 -32.19 -3.96
CA ASP L 23 -3.77 -32.94 -5.20
C ASP L 23 -4.07 -32.08 -6.41
N GLY L 24 -5.05 -31.18 -6.31
CA GLY L 24 -5.30 -30.25 -7.38
C GLY L 24 -4.15 -29.31 -7.66
N LEU L 25 -3.56 -28.75 -6.61
CA LEU L 25 -2.39 -27.90 -6.79
C LEU L 25 -1.24 -28.67 -7.42
N LYS L 26 -1.04 -29.92 -7.01
CA LYS L 26 0.03 -30.74 -7.60
C LYS L 26 -0.23 -31.04 -9.07
N TRP L 27 -1.47 -31.31 -9.45
CA TRP L 27 -1.79 -31.61 -10.84
C TRP L 27 -1.61 -30.38 -11.73
N GLY L 28 -2.12 -29.23 -11.27
CA GLY L 28 -1.88 -27.99 -11.97
C GLY L 28 -0.42 -27.62 -12.07
N THR L 29 0.37 -27.89 -11.01
CA THR L 29 1.80 -27.68 -11.05
C THR L 29 2.49 -28.54 -12.10
N ARG L 30 2.10 -29.80 -12.25
CA ARG L 30 2.62 -30.65 -13.32
C ARG L 30 2.28 -30.14 -14.71
N ILE L 31 1.05 -29.68 -14.93
CA ILE L 31 0.72 -29.09 -16.23
C ILE L 31 1.55 -27.84 -16.49
N TYR L 32 1.69 -26.97 -15.48
CA TYR L 32 2.51 -25.78 -15.61
C TYR L 32 3.96 -26.14 -15.91
N PHE L 33 4.47 -27.19 -15.26
CA PHE L 33 5.84 -27.63 -15.50
C PHE L 33 6.02 -28.13 -16.92
N GLY L 34 5.04 -28.88 -17.44
CA GLY L 34 5.15 -29.33 -18.82
C GLY L 34 5.17 -28.18 -19.80
N ILE L 35 4.27 -27.21 -19.62
CA ILE L 35 4.27 -26.05 -20.51
C ILE L 35 5.56 -25.26 -20.38
N ALA L 36 6.08 -25.13 -19.16
CA ALA L 36 7.34 -24.40 -18.94
C ALA L 36 8.52 -25.12 -19.56
N VAL L 37 8.54 -26.46 -19.53
CA VAL L 37 9.60 -27.21 -20.18
C VAL L 37 9.55 -27.00 -21.69
N ALA L 38 8.35 -27.04 -22.26
CA ALA L 38 8.22 -26.77 -23.69
C ALA L 38 8.71 -25.36 -24.04
N ALA L 39 8.32 -24.39 -23.22
CA ALA L 39 8.74 -23.01 -23.45
C ALA L 39 10.24 -22.84 -23.32
N HIS L 40 10.87 -23.50 -22.34
CA HIS L 40 12.32 -23.44 -22.20
C HIS L 40 13.05 -24.13 -23.34
N ILE L 41 12.53 -25.23 -23.86
CA ILE L 41 13.13 -25.85 -25.04
C ILE L 41 13.05 -24.91 -26.24
N LEU L 42 11.89 -24.27 -26.43
CA LEU L 42 11.76 -23.30 -27.51
C LEU L 42 12.71 -22.13 -27.33
N ALA L 43 12.87 -21.64 -26.10
CA ALA L 43 13.79 -20.54 -25.84
C ALA L 43 15.22 -20.95 -26.15
N PHE L 44 15.60 -22.16 -25.73
CA PHE L 44 16.95 -22.65 -26.02
C PHE L 44 17.20 -22.74 -27.52
N ILE L 45 16.21 -23.21 -28.27
CA ILE L 45 16.35 -23.34 -29.71
C ILE L 45 16.48 -21.96 -30.36
N LEU L 46 15.61 -21.03 -29.98
CA LEU L 46 15.51 -19.76 -30.69
C LEU L 46 16.40 -18.66 -30.14
N THR L 47 16.53 -18.54 -28.83
CA THR L 47 17.26 -17.43 -28.22
C THR L 47 18.75 -17.79 -28.15
N PRO L 48 19.62 -16.77 -28.03
CA PRO L 48 21.07 -17.05 -27.93
C PRO L 48 21.48 -17.64 -26.59
N TRP L 49 20.51 -17.83 -25.69
CA TRP L 49 20.81 -18.32 -24.35
C TRP L 49 21.34 -19.75 -24.40
N LEU L 50 22.29 -20.04 -23.52
CA LEU L 50 23.00 -21.34 -23.47
C LEU L 50 23.75 -21.64 -24.77
N LYS L 51 24.19 -20.60 -25.46
CA LYS L 51 24.95 -20.77 -26.70
C LYS L 51 26.03 -19.70 -26.83
N ASP M 5 -24.16 -33.23 -4.33
CA ASP M 5 -25.27 -32.40 -4.77
C ASP M 5 -25.95 -31.74 -3.57
N THR M 6 -26.44 -30.52 -3.77
CA THR M 6 -27.13 -29.72 -2.76
C THR M 6 -26.23 -29.41 -1.55
N LYS M 7 -24.96 -29.75 -1.65
CA LYS M 7 -24.01 -29.50 -0.56
C LYS M 7 -23.48 -28.08 -0.66
N VAL M 8 -23.50 -27.36 0.47
CA VAL M 8 -22.99 -26.00 0.53
C VAL M 8 -21.58 -26.04 1.09
N TYR M 9 -20.64 -25.44 0.37
CA TYR M 9 -19.23 -25.44 0.73
C TYR M 9 -18.89 -24.18 1.51
N PRO M 10 -17.67 -24.11 2.10
CA PRO M 10 -17.32 -22.95 2.93
C PRO M 10 -17.48 -21.59 2.25
N THR M 11 -17.28 -21.54 0.93
CA THR M 11 -17.51 -20.29 0.20
C THR M 11 -18.99 -19.96 0.09
N GLY M 12 -19.88 -20.92 0.36
CA GLY M 12 -21.30 -20.71 0.23
C GLY M 12 -21.90 -21.12 -1.09
N LEU M 13 -21.17 -21.85 -1.92
CA LEU M 13 -21.62 -22.26 -3.24
C LEU M 13 -21.71 -23.78 -3.32
N THR M 14 -22.46 -24.26 -4.30
CA THR M 14 -22.57 -25.67 -4.60
C THR M 14 -21.68 -26.02 -5.79
N GLU M 15 -21.57 -27.31 -6.08
CA GLU M 15 -20.70 -27.76 -7.18
C GLU M 15 -21.19 -27.21 -8.51
N ALA M 16 -22.51 -27.19 -8.73
CA ALA M 16 -23.03 -26.70 -10.00
C ALA M 16 -22.70 -25.23 -10.21
N GLN M 17 -22.83 -24.40 -9.16
CA GLN M 17 -22.51 -22.99 -9.27
C GLN M 17 -21.03 -22.77 -9.55
N ALA M 18 -20.17 -23.50 -8.84
CA ALA M 18 -18.73 -23.39 -9.05
C ALA M 18 -18.32 -23.83 -10.44
N LEU M 19 -18.93 -24.88 -10.98
CA LEU M 19 -18.67 -25.30 -12.35
C LEU M 19 -19.23 -24.33 -13.38
N GLU M 20 -20.36 -23.68 -13.09
CA GLU M 20 -20.87 -22.64 -13.98
C GLU M 20 -19.91 -21.46 -14.06
N ILE M 21 -19.33 -21.08 -12.91
CA ILE M 21 -18.35 -19.99 -12.93
C ILE M 21 -17.12 -20.38 -13.75
N ASN M 22 -16.65 -21.62 -13.60
CA ASN M 22 -15.54 -22.12 -14.40
C ASN M 22 -15.86 -22.11 -15.89
N ASP M 23 -17.02 -22.62 -16.29
CA ASP M 23 -17.45 -22.57 -17.68
C ASP M 23 -17.55 -21.14 -18.20
N GLY M 24 -17.99 -20.21 -17.38
CA GLY M 24 -18.03 -18.81 -17.75
C GLY M 24 -16.67 -18.21 -18.02
N LEU M 25 -15.73 -18.48 -17.11
CA LEU M 25 -14.37 -17.99 -17.29
C LEU M 25 -13.75 -18.60 -18.55
N LYS M 26 -13.98 -19.89 -18.78
CA LYS M 26 -13.46 -20.53 -19.99
C LYS M 26 -14.08 -19.95 -21.26
N TRP M 27 -15.38 -19.65 -21.23
CA TRP M 27 -16.05 -19.08 -22.40
C TRP M 27 -15.53 -17.68 -22.70
N GLY M 28 -15.36 -16.85 -21.68
CA GLY M 28 -14.79 -15.53 -21.87
C GLY M 28 -13.34 -15.55 -22.32
N THR M 29 -12.55 -16.51 -21.83
CA THR M 29 -11.16 -16.65 -22.25
C THR M 29 -11.03 -16.92 -23.74
N ARG M 30 -11.95 -17.67 -24.35
CA ARG M 30 -11.91 -17.92 -25.78
C ARG M 30 -12.19 -16.69 -26.63
N ILE M 31 -13.15 -15.85 -26.22
CA ILE M 31 -13.37 -14.58 -26.91
C ILE M 31 -12.16 -13.67 -26.76
N TYR M 32 -11.58 -13.63 -25.55
CA TYR M 32 -10.36 -12.85 -25.36
C TYR M 32 -9.24 -13.36 -26.26
N PHE M 33 -9.11 -14.68 -26.37
CA PHE M 33 -8.08 -15.27 -27.24
C PHE M 33 -8.32 -14.92 -28.70
N GLY M 34 -9.58 -14.95 -29.15
CA GLY M 34 -9.86 -14.58 -30.53
C GLY M 34 -9.51 -13.13 -30.82
N ILE M 35 -9.90 -12.22 -29.93
CA ILE M 35 -9.56 -10.82 -30.12
C ILE M 35 -8.04 -10.63 -30.08
N ALA M 36 -7.36 -11.36 -29.19
CA ALA M 36 -5.90 -11.26 -29.11
C ALA M 36 -5.22 -11.79 -30.36
N VAL M 37 -5.74 -12.87 -30.93
CA VAL M 37 -5.19 -13.41 -32.17
C VAL M 37 -5.37 -12.40 -33.31
N ALA M 38 -6.55 -11.79 -33.39
CA ALA M 38 -6.76 -10.76 -34.41
C ALA M 38 -5.79 -9.59 -34.22
N ALA M 39 -5.63 -9.15 -32.97
CA ALA M 39 -4.72 -8.05 -32.68
C ALA M 39 -3.27 -8.40 -33.01
N HIS M 40 -2.85 -9.63 -32.73
CA HIS M 40 -1.50 -10.07 -33.05
C HIS M 40 -1.28 -10.20 -34.55
N ILE M 41 -2.28 -10.65 -35.31
CA ILE M 41 -2.16 -10.67 -36.77
C ILE M 41 -2.02 -9.24 -37.30
N LEU M 42 -2.84 -8.32 -36.78
CA LEU M 42 -2.71 -6.91 -37.20
C LEU M 42 -1.35 -6.34 -36.84
N ALA M 43 -0.83 -6.68 -35.66
CA ALA M 43 0.50 -6.21 -35.28
C ALA M 43 1.57 -6.78 -36.19
N PHE M 44 1.48 -8.06 -36.54
CA PHE M 44 2.46 -8.66 -37.45
C PHE M 44 2.41 -7.98 -38.81
N ILE M 45 1.21 -7.67 -39.30
CA ILE M 45 1.08 -7.03 -40.60
C ILE M 45 1.64 -5.60 -40.56
N LEU M 46 1.29 -4.85 -39.52
CA LEU M 46 1.58 -3.42 -39.50
C LEU M 46 2.92 -3.07 -38.84
N THR M 47 3.28 -3.72 -37.74
CA THR M 47 4.48 -3.35 -36.99
C THR M 47 5.68 -4.09 -37.56
N PRO M 48 6.90 -3.56 -37.35
CA PRO M 48 8.10 -4.25 -37.83
C PRO M 48 8.40 -5.56 -37.13
N TRP M 49 7.63 -5.93 -36.11
CA TRP M 49 7.93 -7.12 -35.32
C TRP M 49 7.75 -8.38 -36.16
N LEU M 50 8.63 -9.36 -35.91
CA LEU M 50 8.72 -10.60 -36.69
C LEU M 50 9.08 -10.33 -38.15
N LYS M 51 9.82 -9.25 -38.40
CA LYS M 51 10.28 -8.93 -39.74
C LYS M 51 11.65 -8.29 -39.71
N ASP N 5 -35.78 -17.74 -10.36
CA ASP N 5 -36.53 -16.54 -9.98
C ASP N 5 -36.73 -16.49 -8.47
N THR N 6 -36.74 -15.27 -7.92
CA THR N 6 -36.93 -15.02 -6.50
C THR N 6 -35.83 -15.66 -5.65
N LYS N 7 -34.77 -16.13 -6.29
CA LYS N 7 -33.66 -16.78 -5.58
C LYS N 7 -32.63 -15.73 -5.20
N VAL N 8 -32.15 -15.79 -3.96
CA VAL N 8 -31.13 -14.87 -3.47
C VAL N 8 -29.79 -15.59 -3.49
N TYR N 9 -28.81 -15.00 -4.16
CA TYR N 9 -27.49 -15.58 -4.32
C TYR N 9 -26.56 -15.09 -3.23
N PRO N 10 -25.35 -15.69 -3.11
CA PRO N 10 -24.46 -15.31 -2.00
C PRO N 10 -24.14 -13.81 -1.93
N THR N 11 -24.21 -13.12 -3.06
CA THR N 11 -24.02 -11.67 -3.04
C THR N 11 -25.24 -10.92 -2.51
N GLY N 12 -26.38 -11.59 -2.42
CA GLY N 12 -27.61 -10.96 -1.98
C GLY N 12 -28.49 -10.40 -3.07
N LEU N 13 -28.23 -10.74 -4.33
CA LEU N 13 -28.98 -10.22 -5.46
C LEU N 13 -29.67 -11.37 -6.19
N THR N 14 -30.68 -11.00 -6.99
CA THR N 14 -31.38 -11.94 -7.84
C THR N 14 -30.88 -11.80 -9.28
N GLU N 15 -31.37 -12.68 -10.15
CA GLU N 15 -30.94 -12.67 -11.54
C GLU N 15 -31.34 -11.38 -12.24
N ALA N 16 -32.55 -10.89 -11.97
CA ALA N 16 -33.03 -9.67 -12.61
C ALA N 16 -32.15 -8.47 -12.25
N GLN N 17 -31.78 -8.36 -10.97
CA GLN N 17 -30.93 -7.26 -10.54
C GLN N 17 -29.54 -7.34 -11.17
N ALA N 18 -28.97 -8.55 -11.21
CA ALA N 18 -27.67 -8.75 -11.81
C ALA N 18 -27.67 -8.44 -13.30
N LEU N 19 -28.73 -8.80 -14.01
CA LEU N 19 -28.87 -8.44 -15.42
C LEU N 19 -29.11 -6.96 -15.63
N GLU N 20 -29.83 -6.30 -14.72
CA GLU N 20 -30.00 -4.86 -14.79
C GLU N 20 -28.66 -4.14 -14.66
N ILE N 21 -27.82 -4.59 -13.74
CA ILE N 21 -26.49 -4.00 -13.59
C ILE N 21 -25.68 -4.19 -14.86
N ASN N 22 -25.72 -5.37 -15.45
CA ASN N 22 -25.04 -5.66 -16.71
C ASN N 22 -25.52 -4.76 -17.85
N ASP N 23 -26.84 -4.61 -18.00
CA ASP N 23 -27.40 -3.71 -19.01
C ASP N 23 -26.97 -2.27 -18.81
N GLY N 24 -26.92 -1.81 -17.55
CA GLY N 24 -26.43 -0.47 -17.27
C GLY N 24 -24.98 -0.28 -17.62
N LEU N 25 -24.15 -1.26 -17.28
CA LEU N 25 -22.74 -1.19 -17.66
C LEU N 25 -22.58 -1.15 -19.17
N LYS N 26 -23.37 -1.96 -19.90
CA LYS N 26 -23.32 -1.94 -21.36
C LYS N 26 -23.77 -0.61 -21.94
N TRP N 27 -24.81 0.01 -21.37
CA TRP N 27 -25.30 1.30 -21.87
C TRP N 27 -24.30 2.42 -21.61
N GLY N 28 -23.76 2.49 -20.40
CA GLY N 28 -22.71 3.44 -20.11
C GLY N 28 -21.45 3.22 -20.93
N THR N 29 -21.10 1.97 -21.23
CA THR N 29 -20.00 1.65 -22.11
C THR N 29 -20.22 2.17 -23.53
N ARG N 30 -21.43 2.06 -24.06
CA ARG N 30 -21.75 2.63 -25.36
C ARG N 30 -21.67 4.15 -25.38
N ILE N 31 -22.16 4.83 -24.33
CA ILE N 31 -21.99 6.28 -24.27
C ILE N 31 -20.51 6.66 -24.22
N TYR N 32 -19.74 5.94 -23.38
CA TYR N 32 -18.30 6.19 -23.30
C TYR N 32 -17.63 5.96 -24.64
N PHE N 33 -18.04 4.91 -25.36
CA PHE N 33 -17.47 4.62 -26.68
C PHE N 33 -17.79 5.73 -27.67
N GLY N 34 -19.00 6.28 -27.62
CA GLY N 34 -19.34 7.38 -28.50
C GLY N 34 -18.49 8.61 -28.25
N ILE N 35 -18.35 8.96 -26.97
CA ILE N 35 -17.50 10.11 -26.63
C ILE N 35 -16.05 9.83 -27.02
N ALA N 36 -15.57 8.59 -26.85
CA ALA N 36 -14.20 8.26 -27.20
C ALA N 36 -13.98 8.32 -28.71
N VAL N 37 -14.98 7.90 -29.49
CA VAL N 37 -14.87 8.00 -30.94
C VAL N 37 -14.80 9.45 -31.38
N ALA N 38 -15.64 10.31 -30.77
CA ALA N 38 -15.56 11.73 -31.08
C ALA N 38 -14.19 12.31 -30.72
N ALA N 39 -13.68 11.94 -29.54
CA ALA N 39 -12.38 12.43 -29.11
C ALA N 39 -11.26 11.95 -30.02
N HIS N 40 -11.32 10.69 -30.48
CA HIS N 40 -10.32 10.16 -31.38
C HIS N 40 -10.38 10.81 -32.76
N ILE N 41 -11.58 11.12 -33.25
CA ILE N 41 -11.68 11.87 -34.51
C ILE N 41 -11.06 13.26 -34.35
N LEU N 42 -11.36 13.94 -33.24
CA LEU N 42 -10.75 15.25 -33.00
C LEU N 42 -9.23 15.15 -32.89
N ALA N 43 -8.73 14.10 -32.24
CA ALA N 43 -7.28 13.90 -32.13
C ALA N 43 -6.67 13.66 -33.50
N PHE N 44 -7.31 12.84 -34.33
CA PHE N 44 -6.79 12.60 -35.68
C PHE N 44 -6.75 13.89 -36.49
N ILE N 45 -7.77 14.72 -36.36
CA ILE N 45 -7.81 15.97 -37.11
C ILE N 45 -6.73 16.94 -36.61
N LEU N 46 -6.61 17.09 -35.30
CA LEU N 46 -5.83 18.18 -34.72
C LEU N 46 -4.40 17.80 -34.35
N THR N 47 -4.05 16.51 -34.33
CA THR N 47 -2.72 16.11 -33.90
C THR N 47 -1.96 15.45 -35.04
N PRO N 48 -0.62 15.42 -34.97
CA PRO N 48 0.16 14.75 -36.02
C PRO N 48 -0.01 13.23 -36.05
N TRP N 49 -0.79 12.66 -35.14
CA TRP N 49 -0.99 11.22 -35.12
C TRP N 49 -1.71 10.75 -36.39
N LEU N 50 -1.24 9.62 -36.94
CA LEU N 50 -1.74 9.08 -38.20
C LEU N 50 -1.63 10.11 -39.33
N LYS N 51 -0.40 10.54 -39.62
CA LYS N 51 -0.12 11.55 -40.63
C LYS N 51 -0.88 12.84 -40.35
N ASP O 5 -41.21 1.65 -4.00
CA ASP O 5 -41.38 2.87 -3.21
C ASP O 5 -40.94 2.64 -1.77
N THR O 6 -40.97 1.38 -1.35
CA THR O 6 -40.57 1.01 0.01
C THR O 6 -39.46 -0.03 0.08
N LYS O 7 -39.07 -0.65 -1.03
CA LYS O 7 -38.08 -1.71 -1.02
C LYS O 7 -36.72 -1.20 -0.56
N VAL O 8 -36.06 -1.98 0.30
CA VAL O 8 -34.71 -1.67 0.76
C VAL O 8 -33.75 -2.59 0.02
N TYR O 9 -32.74 -2.00 -0.60
CA TYR O 9 -31.78 -2.71 -1.43
C TYR O 9 -30.58 -3.14 -0.60
N PRO O 10 -29.70 -4.02 -1.16
CA PRO O 10 -28.58 -4.54 -0.36
C PRO O 10 -27.70 -3.47 0.27
N THR O 11 -27.59 -2.31 -0.37
CA THR O 11 -26.81 -1.22 0.22
C THR O 11 -27.51 -0.59 1.42
N GLY O 12 -28.80 -0.85 1.60
CA GLY O 12 -29.57 -0.28 2.66
C GLY O 12 -30.34 0.97 2.32
N LEU O 13 -30.46 1.32 1.03
CA LEU O 13 -31.12 2.54 0.60
C LEU O 13 -32.31 2.20 -0.29
N THR O 14 -33.18 3.18 -0.47
CA THR O 14 -34.32 3.08 -1.35
C THR O 14 -34.03 3.84 -2.65
N GLU O 15 -34.96 3.71 -3.61
CA GLU O 15 -34.78 4.35 -4.90
C GLU O 15 -34.72 5.87 -4.78
N ALA O 16 -35.57 6.45 -3.93
CA ALA O 16 -35.60 7.89 -3.77
C ALA O 16 -34.27 8.41 -3.22
N GLN O 17 -33.71 7.71 -2.23
CA GLN O 17 -32.42 8.12 -1.66
C GLN O 17 -31.30 8.03 -2.70
N ALA O 18 -31.26 6.95 -3.46
CA ALA O 18 -30.26 6.79 -4.51
C ALA O 18 -30.38 7.84 -5.60
N LEU O 19 -31.60 8.21 -5.99
CA LEU O 19 -31.79 9.30 -6.94
C LEU O 19 -31.44 10.67 -6.36
N GLU O 20 -31.68 10.88 -5.07
CA GLU O 20 -31.26 12.11 -4.42
C GLU O 20 -29.74 12.25 -4.45
N ILE O 21 -29.02 11.16 -4.16
CA ILE O 21 -27.56 11.20 -4.21
C ILE O 21 -27.08 11.51 -5.62
N ASN O 22 -27.71 10.91 -6.63
CA ASN O 22 -27.38 11.19 -8.02
C ASN O 22 -27.62 12.64 -8.40
N ASP O 23 -28.77 13.21 -8.05
CA ASP O 23 -29.04 14.62 -8.29
C ASP O 23 -28.07 15.54 -7.57
N GLY O 24 -27.68 15.19 -6.35
CA GLY O 24 -26.67 15.95 -5.64
C GLY O 24 -25.32 15.95 -6.33
N LEU O 25 -24.91 14.77 -6.78
CA LEU O 25 -23.65 14.66 -7.51
C LEU O 25 -23.70 15.47 -8.80
N LYS O 26 -24.84 15.43 -9.50
CA LYS O 26 -24.97 16.19 -10.74
C LYS O 26 -24.93 17.70 -10.49
N TRP O 27 -25.55 18.16 -9.40
CA TRP O 27 -25.56 19.60 -9.09
C TRP O 27 -24.16 20.07 -8.71
N GLY O 28 -23.47 19.31 -7.85
CA GLY O 28 -22.09 19.64 -7.54
C GLY O 28 -21.18 19.59 -8.74
N THR O 29 -21.41 18.65 -9.65
CA THR O 29 -20.66 18.58 -10.90
C THR O 29 -20.86 19.80 -11.78
N ARG O 30 -22.09 20.33 -11.88
CA ARG O 30 -22.32 21.58 -12.59
C ARG O 30 -21.63 22.78 -11.96
N ILE O 31 -21.64 22.87 -10.62
CA ILE O 31 -20.91 23.96 -9.97
C ILE O 31 -19.41 23.84 -10.26
N TYR O 32 -18.88 22.63 -10.15
CA TYR O 32 -17.47 22.37 -10.45
C TYR O 32 -17.15 22.74 -11.90
N PHE O 33 -18.06 22.40 -12.82
CA PHE O 33 -17.86 22.73 -14.22
C PHE O 33 -17.84 24.24 -14.44
N GLY O 34 -18.72 24.98 -13.77
CA GLY O 34 -18.70 26.42 -13.89
C GLY O 34 -17.39 27.03 -13.41
N ILE O 35 -16.93 26.60 -12.23
CA ILE O 35 -15.65 27.09 -11.72
C ILE O 35 -14.51 26.70 -12.65
N ALA O 36 -14.55 25.49 -13.21
CA ALA O 36 -13.50 25.04 -14.12
C ALA O 36 -13.50 25.84 -15.41
N VAL O 37 -14.68 26.19 -15.92
CA VAL O 37 -14.77 27.02 -17.11
C VAL O 37 -14.18 28.40 -16.85
N ALA O 38 -14.50 28.99 -15.70
CA ALA O 38 -13.92 30.28 -15.35
C ALA O 38 -12.39 30.18 -15.25
N ALA O 39 -11.89 29.12 -14.60
CA ALA O 39 -10.46 28.93 -14.47
C ALA O 39 -9.78 28.73 -15.82
N HIS O 40 -10.41 27.98 -16.73
CA HIS O 40 -9.84 27.78 -18.05
C HIS O 40 -9.86 29.06 -18.88
N ILE O 41 -10.88 29.90 -18.75
CA ILE O 41 -10.88 31.20 -19.42
C ILE O 41 -9.73 32.06 -18.88
N LEU O 42 -9.55 32.08 -17.56
CA LEU O 42 -8.43 32.83 -16.99
C LEU O 42 -7.09 32.30 -17.47
N ALA O 43 -6.95 30.97 -17.55
CA ALA O 43 -5.72 30.37 -18.05
C ALA O 43 -5.45 30.76 -19.49
N PHE O 44 -6.50 30.74 -20.32
CA PHE O 44 -6.35 31.14 -21.72
C PHE O 44 -5.91 32.60 -21.81
N ILE O 45 -6.50 33.47 -20.98
CA ILE O 45 -6.14 34.88 -21.04
C ILE O 45 -4.70 35.11 -20.60
N LEU O 46 -4.30 34.48 -19.47
CA LEU O 46 -3.02 34.79 -18.85
C LEU O 46 -1.88 33.88 -19.32
N THR O 47 -2.09 32.56 -19.27
CA THR O 47 -1.00 31.63 -19.57
C THR O 47 -0.68 31.63 -21.05
N PRO O 48 0.55 31.29 -21.44
CA PRO O 48 0.88 31.27 -22.88
C PRO O 48 0.39 30.01 -23.57
N TRP O 49 -0.86 29.62 -23.34
CA TRP O 49 -1.39 28.36 -23.86
C TRP O 49 -2.54 28.64 -24.81
N LEU O 50 -2.65 27.78 -25.83
CA LEU O 50 -3.68 27.81 -26.86
C LEU O 50 -3.59 29.07 -27.72
N LYS O 51 -2.41 29.69 -27.81
CA LYS O 51 -2.21 30.86 -28.65
C LYS O 51 -0.74 31.06 -28.94
N ASP P 5 -37.27 14.28 10.57
CA ASP P 5 -36.91 14.54 11.96
C ASP P 5 -36.90 13.24 12.76
N THR P 6 -35.89 13.09 13.62
CA THR P 6 -35.72 11.89 14.46
C THR P 6 -35.66 10.62 13.60
N LYS P 7 -35.08 10.75 12.41
CA LYS P 7 -34.95 9.65 11.47
C LYS P 7 -33.48 9.27 11.36
N VAL P 8 -33.19 8.00 11.57
CA VAL P 8 -31.81 7.50 11.54
C VAL P 8 -31.51 6.97 10.15
N TYR P 9 -30.42 7.45 9.57
CA TYR P 9 -30.00 7.10 8.23
C TYR P 9 -28.97 5.97 8.28
N PRO P 10 -28.62 5.36 7.13
CA PRO P 10 -27.69 4.22 7.14
C PRO P 10 -26.36 4.48 7.84
N THR P 11 -25.94 5.74 7.91
CA THR P 11 -24.72 6.06 8.65
C THR P 11 -24.95 6.15 10.15
N GLY P 12 -26.20 6.13 10.59
CA GLY P 12 -26.51 6.24 12.00
C GLY P 12 -26.70 7.65 12.52
N LEU P 13 -26.84 8.64 11.64
CA LEU P 13 -27.00 10.03 12.03
C LEU P 13 -28.34 10.57 11.53
N THR P 14 -28.77 11.66 12.15
CA THR P 14 -29.96 12.38 11.74
C THR P 14 -29.58 13.59 10.90
N GLU P 15 -30.60 14.24 10.34
CA GLU P 15 -30.36 15.40 9.49
C GLU P 15 -29.69 16.53 10.26
N ALA P 16 -30.12 16.78 11.50
CA ALA P 16 -29.54 17.86 12.29
C ALA P 16 -28.05 17.63 12.55
N GLN P 17 -27.68 16.38 12.87
CA GLN P 17 -26.28 16.07 13.12
C GLN P 17 -25.44 16.25 11.85
N ALA P 18 -25.95 15.77 10.72
CA ALA P 18 -25.25 15.93 9.45
C ALA P 18 -25.08 17.38 9.05
N LEU P 19 -26.11 18.21 9.27
CA LEU P 19 -25.99 19.63 9.00
C LEU P 19 -25.06 20.35 9.96
N GLU P 20 -25.01 19.91 11.22
CA GLU P 20 -24.05 20.48 12.16
C GLU P 20 -22.62 20.17 11.74
N ILE P 21 -22.37 18.95 11.27
CA ILE P 21 -21.04 18.61 10.76
C ILE P 21 -20.69 19.49 9.56
N ASN P 22 -21.65 19.71 8.67
CA ASN P 22 -21.45 20.59 7.52
C ASN P 22 -21.12 22.02 7.92
N ASP P 23 -21.88 22.59 8.85
CA ASP P 23 -21.57 23.92 9.37
C ASP P 23 -20.21 24.00 10.05
N GLY P 24 -19.82 22.94 10.76
CA GLY P 24 -18.49 22.89 11.34
C GLY P 24 -17.39 22.90 10.31
N LEU P 25 -17.55 22.09 9.27
CA LEU P 25 -16.58 22.08 8.18
C LEU P 25 -16.51 23.45 7.51
N LYS P 26 -17.65 24.10 7.31
CA LYS P 26 -17.66 25.42 6.69
C LYS P 26 -16.97 26.47 7.55
N TRP P 27 -17.18 26.41 8.87
CA TRP P 27 -16.55 27.37 9.78
C TRP P 27 -15.04 27.18 9.83
N GLY P 28 -14.59 25.93 9.96
CA GLY P 28 -13.17 25.64 9.88
C GLY P 28 -12.55 26.02 8.56
N THR P 29 -13.27 25.83 7.46
CA THR P 29 -12.81 26.26 6.14
C THR P 29 -12.63 27.76 6.06
N ARG P 30 -13.52 28.56 6.62
CA ARG P 30 -13.35 30.00 6.68
C ARG P 30 -12.15 30.42 7.52
N ILE P 31 -11.93 29.79 8.67
CA ILE P 31 -10.73 30.11 9.44
C ILE P 31 -9.46 29.76 8.65
N TYR P 32 -9.45 28.58 8.02
CA TYR P 32 -8.32 28.17 7.18
C TYR P 32 -8.10 29.17 6.04
N PHE P 33 -9.19 29.64 5.43
CA PHE P 33 -9.08 30.61 4.35
C PHE P 33 -8.49 31.93 4.84
N GLY P 34 -8.90 32.38 6.03
CA GLY P 34 -8.32 33.60 6.56
C GLY P 34 -6.82 33.47 6.79
N ILE P 35 -6.41 32.36 7.42
CA ILE P 35 -4.98 32.15 7.64
C ILE P 35 -4.23 32.04 6.32
N ALA P 36 -4.84 31.37 5.33
CA ALA P 36 -4.19 31.22 4.04
C ALA P 36 -4.07 32.54 3.31
N VAL P 37 -5.07 33.42 3.43
CA VAL P 37 -4.99 34.75 2.83
C VAL P 37 -3.87 35.55 3.47
N ALA P 38 -3.76 35.48 4.80
CA ALA P 38 -2.65 36.17 5.47
C ALA P 38 -1.31 35.64 5.00
N ALA P 39 -1.20 34.30 4.89
CA ALA P 39 0.05 33.70 4.43
C ALA P 39 0.39 34.08 3.01
N HIS P 40 -0.61 34.15 2.13
CA HIS P 40 -0.37 34.55 0.75
C HIS P 40 0.00 36.02 0.63
N ILE P 41 -0.58 36.89 1.46
CA ILE P 41 -0.15 38.28 1.48
C ILE P 41 1.30 38.40 1.93
N LEU P 42 1.68 37.66 2.98
CA LEU P 42 3.08 37.66 3.41
C LEU P 42 4.00 37.12 2.32
N ALA P 43 3.59 36.06 1.62
CA ALA P 43 4.39 35.52 0.53
C ALA P 43 4.55 36.54 -0.58
N PHE P 44 3.48 37.24 -0.95
CA PHE P 44 3.58 38.27 -1.97
C PHE P 44 4.53 39.38 -1.56
N ILE P 45 4.46 39.78 -0.29
CA ILE P 45 5.35 40.84 0.19
C ILE P 45 6.81 40.40 0.17
N LEU P 46 7.10 39.20 0.67
CA LEU P 46 8.47 38.76 0.88
C LEU P 46 9.07 38.01 -0.29
N THR P 47 8.32 37.10 -0.92
CA THR P 47 8.90 36.25 -1.95
C THR P 47 8.95 37.01 -3.28
N PRO P 48 9.79 36.56 -4.23
CA PRO P 48 9.85 37.24 -5.54
C PRO P 48 8.67 36.92 -6.45
N TRP P 49 7.64 36.29 -5.91
CA TRP P 49 6.51 35.84 -6.69
C TRP P 49 5.53 36.99 -6.92
N LEU P 50 4.98 37.02 -8.13
CA LEU P 50 4.10 38.12 -8.59
C LEU P 50 4.82 39.46 -8.55
N LYS P 51 6.10 39.46 -8.89
CA LYS P 51 6.88 40.70 -8.99
C LYS P 51 8.16 40.47 -9.78
N ASP Q 5 -26.42 15.79 27.30
CA ASP Q 5 -25.81 15.14 28.45
C ASP Q 5 -26.32 13.71 28.59
N THR Q 6 -25.43 12.82 29.04
CA THR Q 6 -25.74 11.40 29.21
C THR Q 6 -26.25 10.79 27.91
N LYS Q 7 -25.67 11.24 26.79
CA LYS Q 7 -26.05 10.78 25.46
C LYS Q 7 -24.84 10.12 24.81
N VAL Q 8 -25.06 8.94 24.24
CA VAL Q 8 -24.01 8.21 23.55
C VAL Q 8 -24.16 8.46 22.06
N TYR Q 9 -23.08 8.93 21.43
CA TYR Q 9 -23.06 9.28 20.02
C TYR Q 9 -22.57 8.08 19.20
N PRO Q 10 -22.67 8.11 17.86
CA PRO Q 10 -22.30 6.93 17.08
C PRO Q 10 -20.87 6.43 17.30
N THR Q 11 -19.98 7.26 17.83
CA THR Q 11 -18.63 6.80 18.17
C THR Q 11 -18.56 6.13 19.53
N GLY Q 12 -19.63 6.18 20.31
CA GLY Q 12 -19.63 5.60 21.63
C GLY Q 12 -19.18 6.50 22.75
N LEU Q 13 -19.07 7.80 22.50
CA LEU Q 13 -18.59 8.77 23.48
C LEU Q 13 -19.66 9.81 23.75
N THR Q 14 -19.54 10.45 24.92
CA THR Q 14 -20.40 11.55 25.30
C THR Q 14 -19.71 12.88 25.00
N GLU Q 15 -20.45 13.97 25.17
CA GLU Q 15 -19.91 15.29 24.89
C GLU Q 15 -18.73 15.62 25.80
N ALA Q 16 -18.83 15.25 27.09
CA ALA Q 16 -17.76 15.55 28.03
C ALA Q 16 -16.47 14.83 27.65
N GLN Q 17 -16.58 13.55 27.25
CA GLN Q 17 -15.39 12.80 26.84
C GLN Q 17 -14.76 13.40 25.59
N ALA Q 18 -15.59 13.76 24.60
CA ALA Q 18 -15.09 14.37 23.38
C ALA Q 18 -14.41 15.70 23.63
N LEU Q 19 -14.97 16.53 24.52
CA LEU Q 19 -14.31 17.77 24.90
C LEU Q 19 -13.05 17.56 25.71
N GLU Q 20 -12.99 16.50 26.53
CA GLU Q 20 -11.77 16.17 27.25
C GLU Q 20 -10.66 15.80 26.29
N ILE Q 21 -10.98 15.02 25.25
CA ILE Q 21 -9.98 14.68 24.24
C ILE Q 21 -9.47 15.92 23.52
N ASN Q 22 -10.38 16.83 23.17
CA ASN Q 22 -10.01 18.10 22.55
C ASN Q 22 -9.11 18.94 23.45
N ASP Q 23 -9.46 19.09 24.72
CA ASP Q 23 -8.60 19.79 25.68
C ASP Q 23 -7.24 19.13 25.83
N GLY Q 24 -7.18 17.80 25.78
CA GLY Q 24 -5.92 17.10 25.82
C GLY Q 24 -5.03 17.39 24.63
N LEU Q 25 -5.63 17.34 23.44
CA LEU Q 25 -4.87 17.66 22.23
C LEU Q 25 -4.38 19.09 22.26
N LYS Q 26 -5.22 20.03 22.71
CA LYS Q 26 -4.81 21.42 22.79
C LYS Q 26 -3.70 21.62 23.81
N TRP Q 27 -3.77 20.93 24.95
CA TRP Q 27 -2.72 21.05 25.97
C TRP Q 27 -1.39 20.50 25.46
N GLY Q 28 -1.43 19.35 24.78
CA GLY Q 28 -0.21 18.80 24.21
C GLY Q 28 0.39 19.63 23.09
N THR Q 29 -0.46 20.24 22.25
CA THR Q 29 0.00 21.12 21.20
C THR Q 29 0.78 22.32 21.71
N ARG Q 30 0.48 22.79 22.92
CA ARG Q 30 1.20 23.92 23.51
C ARG Q 30 2.59 23.53 24.02
N ILE Q 31 2.75 22.36 24.62
CA ILE Q 31 4.08 21.86 24.94
C ILE Q 31 4.88 21.63 23.66
N TYR Q 32 4.25 21.04 22.65
CA TYR Q 32 4.92 20.87 21.37
C TYR Q 32 5.32 22.22 20.78
N PHE Q 33 4.43 23.22 20.88
CA PHE Q 33 4.75 24.55 20.37
C PHE Q 33 5.93 25.17 21.13
N GLY Q 34 5.97 25.01 22.45
CA GLY Q 34 7.08 25.56 23.21
C GLY Q 34 8.40 24.92 22.84
N ILE Q 35 8.42 23.59 22.72
CA ILE Q 35 9.65 22.91 22.31
C ILE Q 35 10.04 23.33 20.91
N ALA Q 36 9.06 23.49 20.01
CA ALA Q 36 9.36 23.92 18.64
C ALA Q 36 9.93 25.33 18.61
N VAL Q 37 9.40 26.22 19.45
CA VAL Q 37 9.92 27.59 19.51
C VAL Q 37 11.36 27.59 20.01
N ALA Q 38 11.64 26.79 21.06
CA ALA Q 38 13.01 26.69 21.55
C ALA Q 38 13.94 26.14 20.48
N ALA Q 39 13.50 25.11 19.77
CA ALA Q 39 14.31 24.52 18.70
C ALA Q 39 14.55 25.51 17.56
N HIS Q 40 13.54 26.31 17.21
CA HIS Q 40 13.70 27.32 16.17
C HIS Q 40 14.62 28.45 16.59
N ILE Q 41 14.59 28.86 17.87
CA ILE Q 41 15.55 29.84 18.35
C ILE Q 41 16.96 29.29 18.27
N LEU Q 42 17.14 28.03 18.69
CA LEU Q 42 18.47 27.40 18.60
C LEU Q 42 18.93 27.31 17.16
N ALA Q 43 18.02 26.97 16.24
CA ALA Q 43 18.37 26.90 14.83
C ALA Q 43 18.77 28.27 14.29
N PHE Q 44 18.04 29.31 14.67
CA PHE Q 44 18.38 30.66 14.23
C PHE Q 44 19.76 31.06 14.74
N ILE Q 45 20.08 30.70 15.99
CA ILE Q 45 21.38 31.07 16.55
C ILE Q 45 22.50 30.28 15.87
N LEU Q 46 22.30 28.98 15.68
CA LEU Q 46 23.41 28.10 15.29
C LEU Q 46 23.51 27.84 13.80
N THR Q 47 22.44 28.05 13.04
CA THR Q 47 22.46 27.75 11.61
C THR Q 47 22.50 29.03 10.79
N PRO Q 48 22.96 28.94 9.52
CA PRO Q 48 23.05 30.15 8.70
C PRO Q 48 21.69 30.67 8.23
N TRP Q 49 20.61 30.08 8.72
CA TRP Q 49 19.26 30.44 8.30
C TRP Q 49 18.85 31.77 8.90
N LEU Q 50 18.14 32.57 8.11
CA LEU Q 50 17.74 33.93 8.47
C LEU Q 50 18.96 34.81 8.77
N LYS Q 51 20.05 34.60 8.05
CA LYS Q 51 21.24 35.43 8.23
C LYS Q 51 21.97 35.62 6.90
N ASP R 5 -13.59 4.99 38.64
CA ASP R 5 -13.09 3.67 39.03
C ASP R 5 -14.04 2.58 38.58
N THR R 6 -13.49 1.42 38.23
CA THR R 6 -14.24 0.25 37.78
C THR R 6 -15.03 0.53 36.51
N LYS R 7 -14.79 1.67 35.87
CA LYS R 7 -15.50 2.05 34.66
C LYS R 7 -14.76 1.51 33.44
N VAL R 8 -15.49 0.92 32.51
CA VAL R 8 -14.92 0.40 31.28
C VAL R 8 -15.18 1.41 30.17
N TYR R 9 -14.11 1.83 29.50
CA TYR R 9 -14.17 2.85 28.46
C TYR R 9 -14.33 2.19 27.10
N PRO R 10 -14.60 2.95 26.02
CA PRO R 10 -14.85 2.31 24.72
C PRO R 10 -13.73 1.42 24.22
N THR R 11 -12.51 1.58 24.72
CA THR R 11 -11.42 0.69 24.34
C THR R 11 -11.41 -0.61 25.14
N GLY R 12 -12.24 -0.72 26.17
CA GLY R 12 -12.28 -1.90 27.01
C GLY R 12 -11.36 -1.89 28.20
N LEU R 13 -10.76 -0.74 28.53
CA LEU R 13 -9.82 -0.64 29.64
C LEU R 13 -10.33 0.35 30.68
N THR R 14 -9.82 0.20 31.90
CA THR R 14 -10.09 1.12 32.99
C THR R 14 -8.96 2.12 33.10
N GLU R 15 -9.11 3.12 33.98
CA GLU R 15 -8.09 4.14 34.13
C GLU R 15 -6.78 3.57 34.66
N ALA R 16 -6.85 2.60 35.58
CA ALA R 16 -5.64 2.01 36.13
C ALA R 16 -4.82 1.32 35.05
N GLN R 17 -5.49 0.58 34.15
CA GLN R 17 -4.79 -0.10 33.07
C GLN R 17 -4.17 0.91 32.10
N ALA R 18 -4.91 1.96 31.75
CA ALA R 18 -4.40 2.98 30.86
C ALA R 18 -3.20 3.72 31.44
N LEU R 19 -3.21 3.98 32.75
CA LEU R 19 -2.07 4.58 33.41
C LEU R 19 -0.90 3.61 33.55
N GLU R 20 -1.17 2.32 33.70
CA GLU R 20 -0.10 1.32 33.67
C GLU R 20 0.61 1.32 32.32
N ILE R 21 -0.15 1.38 31.23
CA ILE R 21 0.47 1.41 29.90
C ILE R 21 1.31 2.67 29.73
N ASN R 22 0.81 3.82 30.19
CA ASN R 22 1.57 5.06 30.14
C ASN R 22 2.86 4.99 30.96
N ASP R 23 2.80 4.48 32.18
CA ASP R 23 3.98 4.28 32.99
C ASP R 23 4.97 3.32 32.35
N GLY R 24 4.50 2.29 31.68
CA GLY R 24 5.38 1.39 30.95
C GLY R 24 6.10 2.04 29.79
N LEU R 25 5.36 2.82 29.01
CA LEU R 25 5.98 3.56 27.92
C LEU R 25 7.00 4.55 28.45
N LYS R 26 6.68 5.26 29.54
CA LYS R 26 7.63 6.20 30.12
C LYS R 26 8.87 5.50 30.66
N TRP R 27 8.70 4.33 31.28
CA TRP R 27 9.83 3.58 31.83
C TRP R 27 10.73 3.06 30.72
N GLY R 28 10.15 2.50 29.66
CA GLY R 28 10.96 2.07 28.52
C GLY R 28 11.64 3.19 27.78
N THR R 29 10.99 4.36 27.67
CA THR R 29 11.60 5.53 27.06
C THR R 29 12.87 5.97 27.78
N ARG R 30 12.94 5.83 29.11
CA ARG R 30 14.14 6.19 29.84
C ARG R 30 15.32 5.26 29.56
N ILE R 31 15.08 3.94 29.47
CA ILE R 31 16.13 3.02 29.08
C ILE R 31 16.59 3.30 27.65
N TYR R 32 15.63 3.55 26.75
CA TYR R 32 15.98 3.92 25.38
C TYR R 32 16.84 5.18 25.36
N PHE R 33 16.48 6.17 26.16
CA PHE R 33 17.24 7.40 26.24
C PHE R 33 18.64 7.18 26.79
N GLY R 34 18.77 6.33 27.79
CA GLY R 34 20.10 6.04 28.33
C GLY R 34 20.99 5.37 27.29
N ILE R 35 20.46 4.37 26.59
CA ILE R 35 21.24 3.72 25.55
C ILE R 35 21.56 4.69 24.42
N ALA R 36 20.63 5.58 24.10
CA ALA R 36 20.86 6.57 23.05
C ALA R 36 21.93 7.57 23.46
N VAL R 37 21.95 7.96 24.73
CA VAL R 37 22.99 8.87 25.22
C VAL R 37 24.35 8.20 25.17
N ALA R 38 24.42 6.92 25.56
CA ALA R 38 25.69 6.19 25.46
C ALA R 38 26.15 6.11 24.02
N ALA R 39 25.23 5.78 23.10
CA ALA R 39 25.56 5.70 21.69
C ALA R 39 26.00 7.05 21.11
N HIS R 40 25.36 8.14 21.50
CA HIS R 40 25.76 9.47 21.04
C HIS R 40 27.11 9.89 21.60
N ILE R 41 27.43 9.53 22.85
CA ILE R 41 28.76 9.79 23.37
C ILE R 41 29.82 9.01 22.59
N LEU R 42 29.53 7.74 22.31
CA LEU R 42 30.46 6.94 21.52
C LEU R 42 30.63 7.51 20.12
N ALA R 43 29.53 7.98 19.51
CA ALA R 43 29.61 8.60 18.19
C ALA R 43 30.45 9.87 18.23
N PHE R 44 30.26 10.70 19.25
CA PHE R 44 31.04 11.91 19.38
C PHE R 44 32.52 11.60 19.53
N ILE R 45 32.85 10.57 20.30
CA ILE R 45 34.26 10.20 20.50
C ILE R 45 34.86 9.65 19.20
N LEU R 46 34.13 8.75 18.52
CA LEU R 46 34.72 7.97 17.45
C LEU R 46 34.50 8.53 16.06
N THR R 47 33.57 9.46 15.87
CA THR R 47 33.26 9.96 14.55
C THR R 47 33.69 11.41 14.39
N PRO R 48 33.88 11.89 13.16
CA PRO R 48 34.25 13.30 12.97
C PRO R 48 33.15 14.29 13.33
N TRP R 49 31.98 13.80 13.74
CA TRP R 49 30.86 14.68 14.04
C TRP R 49 31.15 15.51 15.29
N LEU R 50 30.74 16.78 15.25
CA LEU R 50 30.97 17.76 16.31
C LEU R 50 32.46 17.99 16.57
N LYS R 51 33.27 17.91 15.53
CA LYS R 51 34.70 18.23 15.65
C LYS R 51 35.32 18.45 14.27
#